data_1K7B
#
_entry.id   1K7B
#
_cell.length_a   1.000
_cell.length_b   1.000
_cell.length_c   1.000
_cell.angle_alpha   90.00
_cell.angle_beta   90.00
_cell.angle_gamma   90.00
#
_symmetry.space_group_name_H-M   'P 1'
#
_entity_poly.entity_id   1
_entity_poly.type   'polypeptide(L)'
_entity_poly.pdbx_seq_one_letter_code
;ISEFGSCPPGQFRCSEPPGAHGECYPQDWLCDGHPDCDDGRDEWGCG
;
_entity_poly.pdbx_strand_id   A
#
# COMPACT_ATOMS: atom_id res chain seq x y z
N SER A 6 5.29 6.88 -1.41
CA SER A 6 6.49 7.72 -1.24
C SER A 6 6.99 7.58 0.20
N CYS A 7 7.85 6.59 0.37
CA CYS A 7 8.42 6.08 1.61
C CYS A 7 9.91 5.76 1.30
N PRO A 8 10.59 4.71 1.83
CA PRO A 8 11.70 4.13 1.08
C PRO A 8 11.22 3.60 -0.29
N PRO A 9 12.14 3.30 -1.24
CA PRO A 9 11.76 2.67 -2.49
C PRO A 9 11.23 1.25 -2.26
N GLY A 10 10.32 0.86 -3.14
CA GLY A 10 9.56 -0.38 -3.06
C GLY A 10 8.58 -0.48 -1.87
N GLN A 11 8.20 0.65 -1.24
CA GLN A 11 7.24 0.77 -0.15
C GLN A 11 6.26 1.91 -0.43
N PHE A 12 4.97 1.61 -0.33
CA PHE A 12 3.85 2.57 -0.49
C PHE A 12 2.94 2.62 0.74
N ARG A 13 2.07 3.63 0.87
CA ARG A 13 1.04 3.73 1.92
C ARG A 13 -0.38 3.46 1.41
N CYS A 14 -1.16 2.77 2.24
CA CYS A 14 -2.47 2.22 1.92
C CYS A 14 -3.63 3.21 2.05
N SER A 15 -4.19 3.28 3.27
CA SER A 15 -5.51 3.88 3.57
C SER A 15 -5.44 5.11 4.47
N GLU A 16 -4.35 5.83 4.33
CA GLU A 16 -4.06 7.13 4.92
C GLU A 16 -3.33 8.04 3.89
N PRO A 17 -3.88 9.19 3.50
CA PRO A 17 -3.30 10.07 2.47
C PRO A 17 -2.01 10.79 2.94
N PRO A 18 -1.25 11.44 2.03
CA PRO A 18 -0.10 12.26 2.39
C PRO A 18 -0.50 13.50 3.22
N GLY A 19 0.52 14.15 3.79
CA GLY A 19 0.40 15.09 4.92
C GLY A 19 0.19 14.42 6.29
N ALA A 20 -0.12 13.12 6.30
CA ALA A 20 -0.15 12.22 7.45
C ALA A 20 0.67 10.96 7.12
N HIS A 21 2.01 11.11 7.16
CA HIS A 21 3.01 10.22 6.57
C HIS A 21 2.88 8.73 6.91
N GLY A 22 2.51 8.44 8.15
CA GLY A 22 2.11 7.11 8.63
C GLY A 22 3.19 6.03 8.49
N GLU A 23 2.73 4.79 8.35
CA GLU A 23 3.56 3.59 8.14
C GLU A 23 3.06 2.76 6.97
N CYS A 24 3.92 2.74 5.98
CA CYS A 24 3.84 2.11 4.68
C CYS A 24 3.91 0.57 4.74
N TYR A 25 3.85 -0.07 3.57
CA TYR A 25 3.95 -1.51 3.35
C TYR A 25 4.71 -1.76 2.03
N PRO A 26 5.34 -2.94 1.83
CA PRO A 26 6.04 -3.24 0.58
C PRO A 26 5.10 -3.19 -0.62
N GLN A 27 5.62 -2.80 -1.79
CA GLN A 27 4.93 -2.94 -3.08
C GLN A 27 4.96 -4.38 -3.62
N ASP A 28 5.60 -5.28 -2.89
CA ASP A 28 5.33 -6.72 -2.96
C ASP A 28 3.89 -7.04 -2.54
N TRP A 29 3.42 -6.26 -1.56
CA TRP A 29 2.05 -6.16 -1.07
C TRP A 29 1.27 -5.07 -1.79
N LEU A 30 1.46 -5.04 -3.10
CA LEU A 30 0.66 -4.35 -4.12
C LEU A 30 0.41 -5.34 -5.27
N CYS A 31 -0.81 -5.88 -5.34
CA CYS A 31 -1.23 -7.07 -6.07
C CYS A 31 -0.35 -8.29 -5.73
N ASP A 32 -0.48 -8.73 -4.48
CA ASP A 32 0.12 -10.00 -3.99
C ASP A 32 -0.77 -11.20 -4.33
N GLY A 33 -2.03 -10.96 -4.70
CA GLY A 33 -3.09 -11.97 -4.78
C GLY A 33 -3.85 -12.19 -3.48
N HIS A 34 -3.53 -11.37 -2.49
CA HIS A 34 -3.96 -11.35 -1.09
C HIS A 34 -4.04 -9.89 -0.61
N PRO A 35 -5.19 -9.39 -0.15
CA PRO A 35 -5.30 -8.01 0.34
C PRO A 35 -4.61 -7.83 1.68
N ASP A 36 -4.15 -6.62 1.96
CA ASP A 36 -3.56 -6.29 3.26
C ASP A 36 -3.79 -4.81 3.61
N CYS A 37 -4.53 -4.05 2.78
CA CYS A 37 -4.51 -2.57 2.86
C CYS A 37 -5.27 -1.92 4.03
N ASP A 38 -5.71 -2.75 4.96
CA ASP A 38 -6.87 -2.63 5.86
C ASP A 38 -8.22 -2.28 5.18
N ASP A 39 -8.19 -2.10 3.86
CA ASP A 39 -9.32 -2.14 2.94
C ASP A 39 -9.13 -3.12 1.78
N GLY A 40 -7.94 -3.74 1.72
CA GLY A 40 -7.56 -4.57 0.57
C GLY A 40 -7.32 -3.81 -0.73
N ARG A 41 -7.16 -2.50 -0.63
CA ARG A 41 -6.94 -1.58 -1.77
C ARG A 41 -5.50 -1.63 -2.30
N ASP A 42 -4.72 -2.57 -1.78
CA ASP A 42 -3.47 -2.98 -2.37
C ASP A 42 -3.67 -3.92 -3.55
N GLU A 43 -4.76 -4.68 -3.49
CA GLU A 43 -5.12 -5.59 -4.55
C GLU A 43 -5.78 -4.88 -5.74
N TRP A 44 -6.52 -3.82 -5.42
CA TRP A 44 -7.51 -3.21 -6.29
C TRP A 44 -6.89 -2.62 -7.55
N GLY A 45 -7.24 -3.29 -8.64
CA GLY A 45 -6.84 -2.96 -10.00
C GLY A 45 -5.40 -3.37 -10.35
N CYS A 46 -4.64 -3.93 -9.40
CA CYS A 46 -3.26 -4.40 -9.53
C CYS A 46 -2.28 -3.45 -10.27
N GLY A 47 -2.58 -2.14 -10.23
CA GLY A 47 -1.81 -1.06 -10.87
C GLY A 47 -2.60 0.25 -10.95
N SER A 6 5.14 7.41 -1.66
CA SER A 6 6.35 8.19 -1.36
C SER A 6 6.82 7.89 0.06
N CYS A 7 7.70 6.89 0.13
CA CYS A 7 8.28 6.27 1.31
C CYS A 7 9.73 5.85 0.90
N PRO A 8 10.41 4.88 1.54
CA PRO A 8 11.57 4.26 0.89
C PRO A 8 11.18 3.60 -0.46
N PRO A 9 12.14 3.25 -1.32
CA PRO A 9 11.84 2.55 -2.57
C PRO A 9 11.29 1.15 -2.28
N GLY A 10 10.39 0.73 -3.15
CA GLY A 10 9.61 -0.48 -3.01
C GLY A 10 8.62 -0.50 -1.83
N GLN A 11 8.21 0.65 -1.30
CA GLN A 11 7.22 0.82 -0.23
C GLN A 11 6.22 1.91 -0.62
N PHE A 12 4.94 1.64 -0.39
CA PHE A 12 3.81 2.59 -0.54
C PHE A 12 2.89 2.63 0.69
N ARG A 13 2.00 3.63 0.81
CA ARG A 13 0.97 3.70 1.85
C ARG A 13 -0.45 3.46 1.33
N CYS A 14 -1.25 2.80 2.16
CA CYS A 14 -2.58 2.28 1.83
C CYS A 14 -3.72 3.30 1.97
N SER A 15 -4.27 3.37 3.19
CA SER A 15 -5.61 3.92 3.50
C SER A 15 -5.55 5.13 4.43
N GLU A 16 -4.46 5.87 4.30
CA GLU A 16 -4.17 7.14 4.98
C GLU A 16 -3.47 8.12 4.00
N PRO A 17 -4.01 9.34 3.80
CA PRO A 17 -3.50 10.31 2.83
C PRO A 17 -2.14 10.94 3.21
N PRO A 18 -1.46 11.64 2.28
CA PRO A 18 -0.23 12.37 2.58
C PRO A 18 -0.44 13.55 3.54
N GLY A 19 0.66 14.10 4.04
CA GLY A 19 0.72 14.98 5.22
C GLY A 19 0.60 14.25 6.57
N ALA A 20 0.15 12.99 6.55
CA ALA A 20 0.17 12.03 7.65
C ALA A 20 0.95 10.78 7.19
N HIS A 21 2.29 10.91 7.14
CA HIS A 21 3.24 10.01 6.48
C HIS A 21 3.12 8.53 6.88
N GLY A 22 2.86 8.30 8.16
CA GLY A 22 2.41 7.02 8.73
C GLY A 22 3.33 5.82 8.47
N GLU A 23 2.72 4.63 8.44
CA GLU A 23 3.36 3.34 8.15
C GLU A 23 2.83 2.76 6.84
N CYS A 24 3.70 2.90 5.84
CA CYS A 24 3.72 2.21 4.57
C CYS A 24 3.81 0.67 4.72
N TYR A 25 3.81 0.00 3.57
CA TYR A 25 3.94 -1.43 3.38
C TYR A 25 4.73 -1.69 2.08
N PRO A 26 5.38 -2.86 1.91
CA PRO A 26 6.08 -3.17 0.67
C PRO A 26 5.15 -3.16 -0.54
N GLN A 27 5.67 -2.80 -1.71
CA GLN A 27 4.99 -2.97 -3.01
C GLN A 27 5.03 -4.42 -3.50
N ASP A 28 5.68 -5.31 -2.74
CA ASP A 28 5.41 -6.74 -2.79
C ASP A 28 3.98 -7.08 -2.38
N TRP A 29 3.48 -6.27 -1.44
CA TRP A 29 2.11 -6.18 -0.97
C TRP A 29 1.31 -5.11 -1.72
N LEU A 30 1.52 -5.09 -3.03
CA LEU A 30 0.73 -4.42 -4.06
C LEU A 30 0.50 -5.43 -5.20
N CYS A 31 -0.72 -5.95 -5.29
CA CYS A 31 -1.14 -7.15 -6.01
C CYS A 31 -0.29 -8.37 -5.64
N ASP A 32 -0.44 -8.79 -4.38
CA ASP A 32 0.13 -10.05 -3.87
C ASP A 32 -0.77 -11.26 -4.21
N GLY A 33 -2.01 -11.00 -4.64
CA GLY A 33 -3.08 -12.00 -4.75
C GLY A 33 -3.87 -12.22 -3.45
N HIS A 34 -3.57 -11.39 -2.46
CA HIS A 34 -4.02 -11.35 -1.08
C HIS A 34 -4.06 -9.90 -0.60
N PRO A 35 -5.20 -9.37 -0.08
CA PRO A 35 -5.28 -7.99 0.38
C PRO A 35 -4.55 -7.78 1.71
N ASP A 36 -4.10 -6.55 1.96
CA ASP A 36 -3.53 -6.15 3.24
C ASP A 36 -3.89 -4.70 3.61
N CYS A 37 -4.63 -3.97 2.74
CA CYS A 37 -4.62 -2.50 2.81
C CYS A 37 -5.42 -1.84 3.96
N ASP A 38 -5.88 -2.67 4.88
CA ASP A 38 -7.07 -2.55 5.74
C ASP A 38 -8.40 -2.21 5.03
N ASP A 39 -8.32 -2.04 3.71
CA ASP A 39 -9.42 -2.07 2.74
C ASP A 39 -9.19 -3.06 1.59
N GLY A 40 -8.01 -3.69 1.58
CA GLY A 40 -7.58 -4.54 0.46
C GLY A 40 -7.31 -3.79 -0.83
N ARG A 41 -7.16 -2.47 -0.76
CA ARG A 41 -6.92 -1.58 -1.91
C ARG A 41 -5.48 -1.65 -2.42
N ASP A 42 -4.70 -2.58 -1.87
CA ASP A 42 -3.44 -2.99 -2.44
C ASP A 42 -3.64 -3.95 -3.61
N GLU A 43 -4.73 -4.71 -3.54
CA GLU A 43 -5.09 -5.64 -4.59
C GLU A 43 -5.74 -4.96 -5.79
N TRP A 44 -6.49 -3.89 -5.49
CA TRP A 44 -7.49 -3.30 -6.38
C TRP A 44 -6.88 -2.77 -7.66
N GLY A 45 -7.23 -3.47 -8.72
CA GLY A 45 -6.81 -3.19 -10.09
C GLY A 45 -5.36 -3.57 -10.40
N CYS A 46 -4.60 -4.10 -9.42
CA CYS A 46 -3.21 -4.53 -9.49
C CYS A 46 -2.23 -3.55 -10.20
N GLY A 47 -2.56 -2.25 -10.15
CA GLY A 47 -1.79 -1.13 -10.74
C GLY A 47 -2.42 0.22 -10.44
N SER A 6 5.35 7.41 -1.39
CA SER A 6 6.52 8.23 -1.03
C SER A 6 6.97 7.89 0.39
N CYS A 7 7.84 6.89 0.44
CA CYS A 7 8.40 6.21 1.59
C CYS A 7 9.85 5.80 1.21
N PRO A 8 10.50 4.77 1.81
CA PRO A 8 11.64 4.16 1.13
C PRO A 8 11.22 3.57 -0.24
N PRO A 9 12.18 3.21 -1.12
CA PRO A 9 11.84 2.57 -2.39
C PRO A 9 11.24 1.18 -2.17
N GLY A 10 10.36 0.82 -3.10
CA GLY A 10 9.54 -0.39 -3.04
C GLY A 10 8.55 -0.44 -1.87
N GLN A 11 8.17 0.69 -1.27
CA GLN A 11 7.22 0.82 -0.16
C GLN A 11 6.23 1.95 -0.43
N PHE A 12 4.94 1.64 -0.36
CA PHE A 12 3.81 2.58 -0.53
C PHE A 12 2.88 2.61 0.70
N ARG A 13 2.03 3.63 0.84
CA ARG A 13 0.98 3.70 1.87
C ARG A 13 -0.43 3.45 1.33
N CYS A 14 -1.24 2.82 2.18
CA CYS A 14 -2.56 2.27 1.85
C CYS A 14 -3.71 3.28 2.00
N SER A 15 -4.28 3.29 3.21
CA SER A 15 -5.63 3.84 3.51
C SER A 15 -5.59 5.05 4.45
N GLU A 16 -4.49 5.79 4.33
CA GLU A 16 -4.21 7.07 4.98
C GLU A 16 -3.51 8.02 3.99
N PRO A 17 -4.05 9.23 3.73
CA PRO A 17 -3.55 10.16 2.70
C PRO A 17 -2.20 10.81 3.06
N PRO A 18 -1.53 11.48 2.10
CA PRO A 18 -0.31 12.25 2.37
C PRO A 18 -0.58 13.47 3.26
N GLY A 19 0.51 14.08 3.74
CA GLY A 19 0.51 15.02 4.88
C GLY A 19 0.38 14.34 6.26
N ALA A 20 0.10 13.03 6.27
CA ALA A 20 0.12 12.13 7.41
C ALA A 20 0.94 10.88 7.02
N HIS A 21 2.27 11.01 7.07
CA HIS A 21 3.26 10.09 6.47
C HIS A 21 3.10 8.62 6.89
N GLY A 22 2.75 8.39 8.15
CA GLY A 22 2.33 7.11 8.71
C GLY A 22 3.34 5.97 8.53
N GLU A 23 2.81 4.76 8.36
CA GLU A 23 3.58 3.51 8.13
C GLU A 23 3.02 2.74 6.94
N CYS A 24 3.85 2.77 5.90
CA CYS A 24 3.75 2.12 4.62
C CYS A 24 3.84 0.58 4.69
N TYR A 25 3.78 -0.06 3.53
CA TYR A 25 3.91 -1.50 3.32
C TYR A 25 4.69 -1.75 2.02
N PRO A 26 5.34 -2.92 1.83
CA PRO A 26 6.04 -3.22 0.59
C PRO A 26 5.10 -3.19 -0.62
N GLN A 27 5.62 -2.81 -1.79
CA GLN A 27 4.94 -2.98 -3.08
C GLN A 27 4.98 -4.43 -3.59
N ASP A 28 5.63 -5.32 -2.84
CA ASP A 28 5.36 -6.76 -2.89
C ASP A 28 3.92 -7.08 -2.48
N TRP A 29 3.43 -6.28 -1.52
CA TRP A 29 2.06 -6.18 -1.04
C TRP A 29 1.27 -5.10 -1.78
N LEU A 30 1.47 -5.08 -3.09
CA LEU A 30 0.68 -4.40 -4.11
C LEU A 30 0.43 -5.41 -5.25
N CYS A 31 -0.79 -5.94 -5.33
CA CYS A 31 -1.22 -7.13 -6.06
C CYS A 31 -0.36 -8.35 -5.70
N ASP A 32 -0.50 -8.79 -4.45
CA ASP A 32 0.08 -10.04 -3.95
C ASP A 32 -0.82 -11.25 -4.27
N GLY A 33 -2.07 -10.99 -4.67
CA GLY A 33 -3.14 -12.00 -4.77
C GLY A 33 -3.90 -12.23 -3.45
N HIS A 34 -3.57 -11.39 -2.46
CA HIS A 34 -3.99 -11.36 -1.08
C HIS A 34 -4.07 -9.89 -0.61
N PRO A 35 -5.22 -9.38 -0.15
CA PRO A 35 -5.30 -7.99 0.33
C PRO A 35 -4.59 -7.81 1.65
N ASP A 36 -4.13 -6.60 1.92
CA ASP A 36 -3.53 -6.25 3.22
C ASP A 36 -3.75 -4.78 3.56
N CYS A 37 -4.50 -4.02 2.73
CA CYS A 37 -4.46 -2.54 2.80
C CYS A 37 -5.20 -1.88 3.97
N ASP A 38 -5.63 -2.70 4.92
CA ASP A 38 -6.80 -2.57 5.82
C ASP A 38 -8.14 -2.23 5.15
N ASP A 39 -8.11 -2.05 3.84
CA ASP A 39 -9.22 -1.99 2.89
C ASP A 39 -9.06 -2.99 1.73
N GLY A 40 -7.91 -3.66 1.69
CA GLY A 40 -7.54 -4.52 0.54
C GLY A 40 -7.29 -3.77 -0.75
N ARG A 41 -7.12 -2.46 -0.69
CA ARG A 41 -6.91 -1.56 -1.84
C ARG A 41 -5.50 -1.66 -2.41
N ASP A 42 -4.70 -2.58 -1.87
CA ASP A 42 -3.45 -3.00 -2.45
C ASP A 42 -3.68 -3.96 -3.61
N GLU A 43 -4.78 -4.71 -3.54
CA GLU A 43 -5.15 -5.63 -4.59
C GLU A 43 -5.82 -4.93 -5.77
N TRP A 44 -6.54 -3.86 -5.47
CA TRP A 44 -7.54 -3.25 -6.33
C TRP A 44 -6.93 -2.69 -7.62
N GLY A 45 -7.28 -3.38 -8.69
CA GLY A 45 -6.86 -3.09 -10.05
C GLY A 45 -5.42 -3.48 -10.38
N CYS A 46 -4.66 -4.02 -9.40
CA CYS A 46 -3.27 -4.46 -9.50
C CYS A 46 -2.29 -3.48 -10.21
N GLY A 47 -2.62 -2.18 -10.19
CA GLY A 47 -1.85 -1.09 -10.81
C GLY A 47 -2.47 0.30 -10.55
N SER A 6 5.45 7.45 -1.44
CA SER A 6 6.62 8.25 -1.04
C SER A 6 7.04 7.86 0.38
N CYS A 7 7.90 6.86 0.42
CA CYS A 7 8.44 6.15 1.57
C CYS A 7 9.88 5.69 1.18
N PRO A 8 10.50 4.65 1.78
CA PRO A 8 11.64 4.01 1.12
C PRO A 8 11.25 3.43 -0.27
N PRO A 9 12.22 3.08 -1.13
CA PRO A 9 11.90 2.45 -2.41
C PRO A 9 11.31 1.07 -2.21
N GLY A 10 10.40 0.74 -3.12
CA GLY A 10 9.55 -0.45 -3.05
C GLY A 10 8.59 -0.50 -1.86
N GLN A 11 8.21 0.64 -1.25
CA GLN A 11 7.26 0.77 -0.16
C GLN A 11 6.27 1.91 -0.46
N PHE A 12 4.97 1.60 -0.37
CA PHE A 12 3.86 2.55 -0.55
C PHE A 12 2.91 2.58 0.67
N ARG A 13 2.07 3.61 0.82
CA ARG A 13 1.01 3.68 1.85
C ARG A 13 -0.40 3.41 1.32
N CYS A 14 -1.22 2.82 2.17
CA CYS A 14 -2.53 2.27 1.85
C CYS A 14 -3.68 3.27 2.04
N SER A 15 -4.25 3.26 3.25
CA SER A 15 -5.60 3.78 3.55
C SER A 15 -5.57 5.00 4.47
N GLU A 16 -4.50 5.76 4.33
CA GLU A 16 -4.21 7.04 4.98
C GLU A 16 -3.54 8.00 3.97
N PRO A 17 -4.11 9.19 3.71
CA PRO A 17 -3.63 10.12 2.67
C PRO A 17 -2.30 10.82 3.04
N PRO A 18 -1.63 11.50 2.08
CA PRO A 18 -0.44 12.31 2.36
C PRO A 18 -0.75 13.52 3.23
N GLY A 19 0.31 14.16 3.73
CA GLY A 19 0.30 15.09 4.87
C GLY A 19 0.20 14.41 6.24
N ALA A 20 -0.02 13.09 6.26
CA ALA A 20 0.04 12.19 7.41
C ALA A 20 0.86 10.95 7.01
N HIS A 21 2.19 11.09 7.07
CA HIS A 21 3.19 10.16 6.49
C HIS A 21 3.03 8.70 6.89
N GLY A 22 2.63 8.45 8.13
CA GLY A 22 2.19 7.15 8.65
C GLY A 22 3.22 6.03 8.50
N GLU A 23 2.73 4.81 8.28
CA GLU A 23 3.52 3.59 8.08
C GLU A 23 2.99 2.79 6.89
N CYS A 24 3.86 2.77 5.88
CA CYS A 24 3.76 2.12 4.60
C CYS A 24 3.84 0.58 4.69
N TYR A 25 3.79 -0.07 3.53
CA TYR A 25 3.90 -1.51 3.32
C TYR A 25 4.68 -1.78 2.02
N PRO A 26 5.32 -2.95 1.85
CA PRO A 26 6.04 -3.25 0.61
C PRO A 26 5.11 -3.22 -0.60
N GLN A 27 5.65 -2.86 -1.77
CA GLN A 27 4.98 -3.02 -3.06
C GLN A 27 5.00 -4.47 -3.57
N ASP A 28 5.63 -5.37 -2.82
CA ASP A 28 5.34 -6.81 -2.86
C ASP A 28 3.90 -7.10 -2.45
N TRP A 29 3.42 -6.32 -1.51
CA TRP A 29 2.05 -6.20 -1.02
C TRP A 29 1.28 -5.10 -1.77
N LEU A 30 1.48 -5.09 -3.08
CA LEU A 30 0.70 -4.41 -4.11
C LEU A 30 0.44 -5.42 -5.24
N CYS A 31 -0.79 -5.92 -5.32
CA CYS A 31 -1.22 -7.11 -6.06
C CYS A 31 -0.40 -8.35 -5.69
N ASP A 32 -0.53 -8.77 -4.43
CA ASP A 32 0.03 -10.03 -3.94
C ASP A 32 -0.88 -11.23 -4.28
N GLY A 33 -2.11 -10.96 -4.70
CA GLY A 33 -3.19 -11.95 -4.83
C GLY A 33 -3.97 -12.19 -3.53
N HIS A 34 -3.65 -11.37 -2.52
CA HIS A 34 -4.11 -11.35 -1.15
C HIS A 34 -4.14 -9.89 -0.66
N PRO A 35 -5.27 -9.36 -0.15
CA PRO A 35 -5.33 -7.98 0.34
C PRO A 35 -4.59 -7.83 1.65
N ASP A 36 -4.09 -6.63 1.91
CA ASP A 36 -3.48 -6.30 3.20
C ASP A 36 -3.65 -4.81 3.54
N CYS A 37 -4.40 -4.05 2.72
CA CYS A 37 -4.36 -2.57 2.81
C CYS A 37 -5.09 -1.93 4.00
N ASP A 38 -5.50 -2.76 4.94
CA ASP A 38 -6.65 -2.64 5.87
C ASP A 38 -8.01 -2.30 5.22
N ASP A 39 -7.99 -2.09 3.91
CA ASP A 39 -9.12 -2.00 2.98
C ASP A 39 -8.98 -2.96 1.79
N GLY A 40 -7.83 -3.65 1.72
CA GLY A 40 -7.49 -4.49 0.57
C GLY A 40 -7.25 -3.74 -0.73
N ARG A 41 -7.06 -2.41 -0.65
CA ARG A 41 -6.85 -1.52 -1.79
C ARG A 41 -5.44 -1.62 -2.36
N ASP A 42 -4.65 -2.57 -1.85
CA ASP A 42 -3.41 -2.99 -2.45
C ASP A 42 -3.66 -3.94 -3.62
N GLU A 43 -4.76 -4.67 -3.53
CA GLU A 43 -5.16 -5.59 -4.59
C GLU A 43 -5.82 -4.87 -5.77
N TRP A 44 -6.53 -3.79 -5.45
CA TRP A 44 -7.51 -3.15 -6.31
C TRP A 44 -6.89 -2.60 -7.59
N GLY A 45 -7.26 -3.27 -8.66
CA GLY A 45 -6.85 -2.97 -10.03
C GLY A 45 -5.41 -3.38 -10.35
N CYS A 46 -4.66 -3.95 -9.39
CA CYS A 46 -3.27 -4.40 -9.50
C CYS A 46 -2.30 -3.42 -10.21
N GLY A 47 -2.58 -2.12 -10.11
CA GLY A 47 -1.84 -1.00 -10.72
C GLY A 47 -2.57 0.33 -10.62
N SER A 6 5.00 7.29 -0.36
CA SER A 6 6.25 8.07 -0.50
C SER A 6 7.11 7.79 0.74
N CYS A 7 7.92 6.75 0.61
CA CYS A 7 8.60 6.01 1.67
C CYS A 7 9.98 5.59 1.11
N PRO A 8 10.71 4.60 1.67
CA PRO A 8 11.82 4.02 0.93
C PRO A 8 11.37 3.39 -0.40
N PRO A 9 12.28 3.08 -1.34
CA PRO A 9 11.91 2.45 -2.60
C PRO A 9 11.35 1.05 -2.36
N GLY A 10 10.38 0.71 -3.19
CA GLY A 10 9.56 -0.49 -3.08
C GLY A 10 8.61 -0.53 -1.88
N GLN A 11 8.25 0.61 -1.28
CA GLN A 11 7.29 0.75 -0.16
C GLN A 11 6.33 1.91 -0.43
N PHE A 12 5.03 1.62 -0.36
CA PHE A 12 3.92 2.59 -0.52
C PHE A 12 2.99 2.65 0.71
N ARG A 13 2.13 3.68 0.84
CA ARG A 13 1.08 3.74 1.88
C ARG A 13 -0.32 3.38 1.37
N CYS A 14 -1.11 2.77 2.25
CA CYS A 14 -2.44 2.24 1.95
C CYS A 14 -3.58 3.25 2.17
N SER A 15 -4.14 3.23 3.37
CA SER A 15 -5.50 3.70 3.72
C SER A 15 -5.50 4.95 4.61
N GLU A 16 -4.45 5.74 4.43
CA GLU A 16 -4.20 7.05 5.03
C GLU A 16 -3.53 7.96 3.98
N PRO A 17 -4.14 9.11 3.58
CA PRO A 17 -3.62 9.98 2.51
C PRO A 17 -2.36 10.77 2.92
N PRO A 18 -1.67 11.42 1.97
CA PRO A 18 -0.54 12.32 2.24
C PRO A 18 -0.81 13.45 3.24
N GLY A 19 0.27 14.07 3.70
CA GLY A 19 0.33 14.99 4.85
C GLY A 19 0.23 14.29 6.22
N ALA A 20 -0.32 13.08 6.25
CA ALA A 20 -0.27 12.12 7.36
C ALA A 20 0.53 10.89 6.91
N HIS A 21 1.85 11.08 6.78
CA HIS A 21 2.82 10.20 6.11
C HIS A 21 2.78 8.73 6.55
N GLY A 22 2.49 8.50 7.82
CA GLY A 22 2.14 7.19 8.39
C GLY A 22 3.23 6.13 8.29
N GLU A 23 2.81 4.87 8.26
CA GLU A 23 3.65 3.68 8.12
C GLU A 23 3.15 2.79 6.98
N CYS A 24 4.01 2.75 5.97
CA CYS A 24 3.91 2.14 4.67
C CYS A 24 3.95 0.59 4.72
N TYR A 25 3.88 -0.03 3.55
CA TYR A 25 3.96 -1.48 3.33
C TYR A 25 4.73 -1.75 2.03
N PRO A 26 5.36 -2.92 1.85
CA PRO A 26 6.06 -3.24 0.61
C PRO A 26 5.12 -3.21 -0.61
N GLN A 27 5.64 -2.85 -1.77
CA GLN A 27 4.96 -3.01 -3.06
C GLN A 27 4.97 -4.46 -3.57
N ASP A 28 5.60 -5.36 -2.82
CA ASP A 28 5.32 -6.79 -2.86
C ASP A 28 3.87 -7.10 -2.45
N TRP A 29 3.39 -6.29 -1.51
CA TRP A 29 2.02 -6.17 -1.03
C TRP A 29 1.26 -5.07 -1.77
N LEU A 30 1.46 -5.06 -3.09
CA LEU A 30 0.68 -4.36 -4.11
C LEU A 30 0.41 -5.36 -5.26
N CYS A 31 -0.82 -5.85 -5.36
CA CYS A 31 -1.27 -7.03 -6.08
C CYS A 31 -0.44 -8.27 -5.74
N ASP A 32 -0.57 -8.71 -4.48
CA ASP A 32 0.00 -9.98 -4.00
C ASP A 32 -0.92 -11.18 -4.35
N GLY A 33 -2.16 -10.90 -4.76
CA GLY A 33 -3.24 -11.89 -4.88
C GLY A 33 -4.02 -12.14 -3.58
N HIS A 34 -3.68 -11.33 -2.57
CA HIS A 34 -4.13 -11.31 -1.19
C HIS A 34 -4.16 -9.86 -0.69
N PRO A 35 -5.30 -9.32 -0.21
CA PRO A 35 -5.36 -7.96 0.29
C PRO A 35 -4.63 -7.82 1.62
N ASP A 36 -4.13 -6.62 1.91
CA ASP A 36 -3.52 -6.32 3.21
C ASP A 36 -3.67 -4.84 3.57
N CYS A 37 -4.41 -4.05 2.77
CA CYS A 37 -4.34 -2.58 2.88
C CYS A 37 -5.07 -1.95 4.09
N ASP A 38 -5.51 -2.80 5.01
CA ASP A 38 -6.66 -2.69 5.92
C ASP A 38 -8.02 -2.30 5.26
N ASP A 39 -7.97 -2.05 3.97
CA ASP A 39 -9.07 -1.90 3.02
C ASP A 39 -8.96 -2.86 1.83
N GLY A 40 -7.83 -3.58 1.76
CA GLY A 40 -7.50 -4.42 0.60
C GLY A 40 -7.24 -3.67 -0.68
N ARG A 41 -7.03 -2.35 -0.60
CA ARG A 41 -6.81 -1.46 -1.75
C ARG A 41 -5.41 -1.58 -2.33
N ASP A 42 -4.62 -2.51 -1.81
CA ASP A 42 -3.39 -2.96 -2.42
C ASP A 42 -3.66 -3.90 -3.59
N GLU A 43 -4.78 -4.62 -3.50
CA GLU A 43 -5.18 -5.51 -4.57
C GLU A 43 -5.84 -4.78 -5.73
N TRP A 44 -6.54 -3.70 -5.41
CA TRP A 44 -7.54 -3.06 -6.26
C TRP A 44 -6.96 -2.55 -7.56
N GLY A 45 -7.35 -3.24 -8.62
CA GLY A 45 -6.98 -2.98 -10.00
C GLY A 45 -5.54 -3.38 -10.36
N CYS A 46 -4.76 -3.91 -9.40
CA CYS A 46 -3.36 -4.34 -9.53
C CYS A 46 -2.44 -3.36 -10.30
N GLY A 47 -2.76 -2.06 -10.24
CA GLY A 47 -2.08 -0.95 -10.94
C GLY A 47 -0.70 -0.60 -10.38
N SER A 6 5.45 7.78 -0.50
CA SER A 6 6.68 8.52 -0.11
C SER A 6 7.31 7.91 1.14
N CYS A 7 8.10 6.88 0.89
CA CYS A 7 8.68 5.94 1.83
C CYS A 7 9.99 5.41 1.18
N PRO A 8 10.71 4.42 1.74
CA PRO A 8 11.85 3.84 1.04
C PRO A 8 11.41 3.18 -0.29
N PRO A 9 12.34 2.93 -1.24
CA PRO A 9 12.04 2.23 -2.47
C PRO A 9 11.35 0.88 -2.26
N GLY A 10 10.39 0.64 -3.13
CA GLY A 10 9.51 -0.52 -3.09
C GLY A 10 8.57 -0.58 -1.88
N GLN A 11 8.25 0.55 -1.22
CA GLN A 11 7.30 0.68 -0.12
C GLN A 11 6.32 1.83 -0.37
N PHE A 12 5.02 1.53 -0.26
CA PHE A 12 3.89 2.49 -0.39
C PHE A 12 2.98 2.50 0.85
N ARG A 13 2.10 3.50 1.01
CA ARG A 13 1.08 3.56 2.08
C ARG A 13 -0.34 3.26 1.59
N CYS A 14 -1.12 2.63 2.47
CA CYS A 14 -2.46 2.09 2.19
C CYS A 14 -3.60 3.08 2.47
N SER A 15 -4.09 3.04 3.70
CA SER A 15 -5.43 3.53 4.13
C SER A 15 -5.43 4.89 4.79
N GLU A 16 -4.38 5.64 4.52
CA GLU A 16 -4.10 7.00 4.99
C GLU A 16 -3.40 7.81 3.86
N PRO A 17 -3.99 8.92 3.37
CA PRO A 17 -3.46 9.70 2.26
C PRO A 17 -2.24 10.57 2.65
N PRO A 18 -1.57 11.21 1.66
CA PRO A 18 -0.55 12.23 1.91
C PRO A 18 -1.00 13.40 2.80
N GLY A 19 -0.01 14.17 3.25
CA GLY A 19 -0.14 15.16 4.34
C GLY A 19 -0.23 14.55 5.76
N ALA A 20 -0.38 13.22 5.84
CA ALA A 20 -0.31 12.40 7.04
C ALA A 20 0.62 11.21 6.75
N HIS A 21 1.93 11.46 6.83
CA HIS A 21 3.02 10.62 6.32
C HIS A 21 3.00 9.15 6.75
N GLY A 22 2.58 8.91 8.00
CA GLY A 22 2.27 7.60 8.55
C GLY A 22 3.39 6.57 8.41
N GLU A 23 3.01 5.35 8.07
CA GLU A 23 3.87 4.23 7.73
C GLU A 23 3.22 3.36 6.65
N CYS A 24 4.04 2.49 6.08
CA CYS A 24 3.94 1.91 4.77
C CYS A 24 3.95 0.37 4.80
N TYR A 25 3.90 -0.24 3.62
CA TYR A 25 3.99 -1.68 3.37
C TYR A 25 4.74 -1.91 2.05
N PRO A 26 5.36 -3.09 1.82
CA PRO A 26 6.05 -3.37 0.57
C PRO A 26 5.10 -3.29 -0.63
N GLN A 27 5.60 -2.89 -1.79
CA GLN A 27 4.91 -3.01 -3.08
C GLN A 27 4.93 -4.45 -3.62
N ASP A 28 5.57 -5.38 -2.91
CA ASP A 28 5.29 -6.80 -2.99
C ASP A 28 3.85 -7.12 -2.58
N TRP A 29 3.39 -6.35 -1.59
CA TRP A 29 2.02 -6.25 -1.11
C TRP A 29 1.25 -5.12 -1.80
N LEU A 30 1.44 -5.08 -3.12
CA LEU A 30 0.64 -4.37 -4.11
C LEU A 30 0.38 -5.34 -5.27
N CYS A 31 -0.86 -5.84 -5.37
CA CYS A 31 -1.30 -7.01 -6.14
C CYS A 31 -0.46 -8.25 -5.83
N ASP A 32 -0.58 -8.72 -4.59
CA ASP A 32 0.01 -9.99 -4.14
C ASP A 32 -0.91 -11.18 -4.50
N GLY A 33 -2.16 -10.91 -4.90
CA GLY A 33 -3.24 -11.90 -5.02
C GLY A 33 -3.99 -12.17 -3.71
N HIS A 34 -3.65 -11.38 -2.70
CA HIS A 34 -4.07 -11.39 -1.31
C HIS A 34 -4.12 -9.94 -0.78
N PRO A 35 -5.26 -9.43 -0.29
CA PRO A 35 -5.33 -8.08 0.23
C PRO A 35 -4.61 -7.94 1.57
N ASP A 36 -4.13 -6.75 1.87
CA ASP A 36 -3.53 -6.45 3.17
C ASP A 36 -3.73 -4.98 3.57
N CYS A 37 -4.47 -4.19 2.77
CA CYS A 37 -4.41 -2.72 2.88
C CYS A 37 -5.17 -2.09 4.06
N ASP A 38 -5.62 -2.93 4.98
CA ASP A 38 -6.77 -2.79 5.90
C ASP A 38 -8.11 -2.40 5.23
N ASP A 39 -8.08 -2.18 3.92
CA ASP A 39 -9.22 -2.16 2.99
C ASP A 39 -9.06 -3.15 1.84
N GLY A 40 -7.89 -3.81 1.75
CA GLY A 40 -7.53 -4.60 0.58
C GLY A 40 -7.29 -3.80 -0.69
N ARG A 41 -7.10 -2.49 -0.56
CA ARG A 41 -6.88 -1.54 -1.65
C ARG A 41 -5.46 -1.60 -2.21
N ASP A 42 -4.68 -2.58 -1.75
CA ASP A 42 -3.44 -2.98 -2.36
C ASP A 42 -3.69 -3.89 -3.56
N GLU A 43 -4.79 -4.63 -3.51
CA GLU A 43 -5.18 -5.51 -4.59
C GLU A 43 -5.85 -4.76 -5.74
N TRP A 44 -6.56 -3.69 -5.38
CA TRP A 44 -7.54 -3.02 -6.22
C TRP A 44 -6.92 -2.41 -7.47
N GLY A 45 -7.28 -3.02 -8.58
CA GLY A 45 -6.87 -2.66 -9.93
C GLY A 45 -5.43 -3.08 -10.28
N CYS A 46 -4.69 -3.68 -9.35
CA CYS A 46 -3.31 -4.15 -9.48
C CYS A 46 -2.32 -3.16 -10.16
N GLY A 47 -2.60 -1.86 -10.02
CA GLY A 47 -1.83 -0.73 -10.60
C GLY A 47 -2.44 0.64 -10.28
N SER A 6 5.48 7.95 -0.33
CA SER A 6 6.69 8.70 0.04
C SER A 6 7.34 8.08 1.27
N CYS A 7 8.15 7.07 0.99
CA CYS A 7 8.73 6.09 1.88
C CYS A 7 10.06 5.62 1.26
N PRO A 8 10.74 4.56 1.75
CA PRO A 8 11.85 3.98 1.00
C PRO A 8 11.37 3.42 -0.37
N PRO A 9 12.28 3.10 -1.31
CA PRO A 9 11.88 2.52 -2.58
C PRO A 9 11.29 1.12 -2.38
N GLY A 10 10.32 0.81 -3.24
CA GLY A 10 9.48 -0.37 -3.16
C GLY A 10 8.54 -0.43 -1.95
N GLN A 11 8.19 0.70 -1.31
CA GLN A 11 7.26 0.83 -0.20
C GLN A 11 6.26 1.98 -0.46
N PHE A 12 4.97 1.66 -0.43
CA PHE A 12 3.85 2.60 -0.61
C PHE A 12 2.92 2.65 0.63
N ARG A 13 2.02 3.64 0.74
CA ARG A 13 0.98 3.70 1.79
C ARG A 13 -0.43 3.41 1.27
N CYS A 14 -1.23 2.82 2.14
CA CYS A 14 -2.54 2.25 1.83
C CYS A 14 -3.70 3.25 1.98
N SER A 15 -4.27 3.27 3.18
CA SER A 15 -5.62 3.81 3.49
C SER A 15 -5.60 5.01 4.44
N GLU A 16 -4.51 5.76 4.32
CA GLU A 16 -4.21 7.02 4.99
C GLU A 16 -3.56 8.00 3.98
N PRO A 17 -4.12 9.22 3.78
CA PRO A 17 -3.67 10.17 2.75
C PRO A 17 -2.30 10.81 3.04
N PRO A 18 -1.67 11.49 2.07
CA PRO A 18 -0.46 12.28 2.29
C PRO A 18 -0.71 13.49 3.21
N GLY A 19 0.38 14.12 3.64
CA GLY A 19 0.41 15.05 4.79
C GLY A 19 0.32 14.36 6.17
N ALA A 20 0.06 13.06 6.19
CA ALA A 20 0.13 12.16 7.34
C ALA A 20 0.94 10.91 6.93
N HIS A 21 2.27 11.05 6.92
CA HIS A 21 3.25 10.14 6.30
C HIS A 21 3.10 8.66 6.71
N GLY A 22 2.77 8.43 7.97
CA GLY A 22 2.32 7.15 8.53
C GLY A 22 3.29 5.98 8.36
N GLU A 23 2.73 4.78 8.28
CA GLU A 23 3.44 3.51 8.09
C GLU A 23 2.93 2.77 6.86
N CYS A 24 3.80 2.81 5.86
CA CYS A 24 3.77 2.16 4.57
C CYS A 24 3.80 0.62 4.66
N TYR A 25 3.77 -0.03 3.49
CA TYR A 25 3.90 -1.46 3.28
C TYR A 25 4.68 -1.73 1.99
N PRO A 26 5.32 -2.89 1.80
CA PRO A 26 6.03 -3.19 0.56
C PRO A 26 5.10 -3.18 -0.65
N GLN A 27 5.60 -2.80 -1.82
CA GLN A 27 4.93 -2.96 -3.11
C GLN A 27 4.97 -4.42 -3.62
N ASP A 28 5.61 -5.31 -2.87
CA ASP A 28 5.35 -6.75 -2.91
C ASP A 28 3.92 -7.08 -2.50
N TRP A 29 3.42 -6.28 -1.55
CA TRP A 29 2.06 -6.19 -1.06
C TRP A 29 1.27 -5.10 -1.80
N LEU A 30 1.46 -5.09 -3.11
CA LEU A 30 0.67 -4.42 -4.13
C LEU A 30 0.41 -5.45 -5.26
N CYS A 31 -0.81 -5.96 -5.34
CA CYS A 31 -1.24 -7.16 -6.06
C CYS A 31 -0.39 -8.39 -5.70
N ASP A 32 -0.53 -8.81 -4.44
CA ASP A 32 0.04 -10.07 -3.93
C ASP A 32 -0.86 -11.27 -4.25
N GLY A 33 -2.11 -11.01 -4.67
CA GLY A 33 -3.18 -12.01 -4.76
C GLY A 33 -3.95 -12.23 -3.45
N HIS A 34 -3.63 -11.40 -2.46
CA HIS A 34 -4.05 -11.36 -1.07
C HIS A 34 -4.10 -9.90 -0.61
N PRO A 35 -5.23 -9.38 -0.09
CA PRO A 35 -5.31 -8.01 0.38
C PRO A 35 -4.55 -7.81 1.68
N ASP A 36 -4.08 -6.60 1.93
CA ASP A 36 -3.48 -6.24 3.21
C ASP A 36 -3.70 -4.75 3.55
N CYS A 37 -4.47 -4.02 2.73
CA CYS A 37 -4.45 -2.55 2.80
C CYS A 37 -5.19 -1.89 3.97
N ASP A 38 -5.61 -2.72 4.92
CA ASP A 38 -6.78 -2.59 5.82
C ASP A 38 -8.13 -2.27 5.15
N ASP A 39 -8.11 -2.07 3.84
CA ASP A 39 -9.21 -2.01 2.90
C ASP A 39 -9.05 -3.00 1.73
N GLY A 40 -7.90 -3.68 1.69
CA GLY A 40 -7.53 -4.53 0.54
C GLY A 40 -7.29 -3.78 -0.76
N ARG A 41 -7.11 -2.46 -0.69
CA ARG A 41 -6.90 -1.57 -1.84
C ARG A 41 -5.50 -1.67 -2.41
N ASP A 42 -4.69 -2.59 -1.87
CA ASP A 42 -3.45 -3.02 -2.47
C ASP A 42 -3.69 -3.98 -3.62
N GLU A 43 -4.78 -4.72 -3.53
CA GLU A 43 -5.17 -5.65 -4.58
C GLU A 43 -5.84 -4.96 -5.77
N TRP A 44 -6.56 -3.89 -5.46
CA TRP A 44 -7.56 -3.27 -6.32
C TRP A 44 -6.95 -2.74 -7.62
N GLY A 45 -7.33 -3.43 -8.68
CA GLY A 45 -6.93 -3.15 -10.06
C GLY A 45 -5.47 -3.53 -10.38
N CYS A 46 -4.71 -4.08 -9.41
CA CYS A 46 -3.32 -4.51 -9.51
C CYS A 46 -2.36 -3.52 -10.23
N GLY A 47 -2.67 -2.22 -10.13
CA GLY A 47 -1.93 -1.10 -10.74
C GLY A 47 -2.46 0.27 -10.32
N SER A 6 5.55 7.89 -0.75
CA SER A 6 6.70 8.66 -0.25
C SER A 6 7.27 8.06 1.02
N CYS A 7 8.11 7.05 0.80
CA CYS A 7 8.67 6.11 1.75
C CYS A 7 10.02 5.61 1.16
N PRO A 8 10.69 4.57 1.71
CA PRO A 8 11.80 3.95 0.99
C PRO A 8 11.35 3.38 -0.36
N PRO A 9 12.28 3.04 -1.28
CA PRO A 9 11.91 2.41 -2.54
C PRO A 9 11.34 1.02 -2.30
N GLY A 10 10.36 0.69 -3.14
CA GLY A 10 9.53 -0.50 -3.02
C GLY A 10 8.57 -0.52 -1.84
N GLN A 11 8.20 0.63 -1.26
CA GLN A 11 7.24 0.80 -0.16
C GLN A 11 6.25 1.92 -0.49
N PHE A 12 4.95 1.62 -0.33
CA PHE A 12 3.83 2.57 -0.49
C PHE A 12 2.90 2.59 0.75
N ARG A 13 1.99 3.57 0.87
CA ARG A 13 0.97 3.64 1.93
C ARG A 13 -0.45 3.31 1.45
N CYS A 14 -1.22 2.70 2.34
CA CYS A 14 -2.56 2.15 2.08
C CYS A 14 -3.70 3.14 2.36
N SER A 15 -4.19 3.13 3.60
CA SER A 15 -5.51 3.61 4.04
C SER A 15 -5.50 4.96 4.76
N GLU A 16 -4.45 5.71 4.49
CA GLU A 16 -4.17 7.06 5.00
C GLU A 16 -3.52 7.93 3.90
N PRO A 17 -4.09 9.11 3.58
CA PRO A 17 -3.60 10.01 2.51
C PRO A 17 -2.27 10.71 2.86
N PRO A 18 -1.61 11.35 1.87
CA PRO A 18 -0.42 12.17 2.13
C PRO A 18 -0.73 13.43 2.95
N GLY A 19 0.33 14.10 3.40
CA GLY A 19 0.32 15.09 4.49
C GLY A 19 0.25 14.48 5.90
N ALA A 20 0.03 13.17 5.99
CA ALA A 20 0.13 12.33 7.18
C ALA A 20 0.93 11.05 6.80
N HIS A 21 2.27 11.17 6.78
CA HIS A 21 3.21 10.23 6.17
C HIS A 21 3.05 8.77 6.58
N GLY A 22 2.70 8.54 7.84
CA GLY A 22 2.26 7.25 8.38
C GLY A 22 3.29 6.11 8.28
N GLU A 23 2.79 4.89 8.25
CA GLU A 23 3.56 3.64 8.11
C GLU A 23 3.04 2.82 6.93
N CYS A 24 3.91 2.80 5.92
CA CYS A 24 3.83 2.13 4.65
C CYS A 24 3.88 0.59 4.75
N TYR A 25 3.81 -0.06 3.60
CA TYR A 25 3.92 -1.50 3.39
C TYR A 25 4.68 -1.76 2.08
N PRO A 26 5.31 -2.94 1.89
CA PRO A 26 6.02 -3.23 0.64
C PRO A 26 5.08 -3.20 -0.56
N GLN A 27 5.59 -2.80 -1.73
CA GLN A 27 4.91 -2.96 -3.02
C GLN A 27 4.94 -4.40 -3.54
N ASP A 28 5.58 -5.31 -2.81
CA ASP A 28 5.31 -6.74 -2.87
C ASP A 28 3.87 -7.06 -2.47
N TRP A 29 3.39 -6.28 -1.50
CA TRP A 29 2.02 -6.18 -1.03
C TRP A 29 1.25 -5.08 -1.75
N LEU A 30 1.44 -5.05 -3.07
CA LEU A 30 0.65 -4.36 -4.08
C LEU A 30 0.41 -5.34 -5.24
N CYS A 31 -0.81 -5.86 -5.34
CA CYS A 31 -1.24 -7.03 -6.09
C CYS A 31 -0.38 -8.27 -5.76
N ASP A 32 -0.51 -8.71 -4.51
CA ASP A 32 0.09 -9.98 -4.03
C ASP A 32 -0.80 -11.19 -4.38
N GLY A 33 -2.04 -10.93 -4.79
CA GLY A 33 -3.11 -11.95 -4.91
C GLY A 33 -3.87 -12.21 -3.61
N HIS A 34 -3.55 -11.40 -2.60
CA HIS A 34 -3.98 -11.41 -1.21
C HIS A 34 -4.06 -9.94 -0.72
N PRO A 35 -5.22 -9.44 -0.24
CA PRO A 35 -5.32 -8.08 0.26
C PRO A 35 -4.61 -7.93 1.60
N ASP A 36 -4.16 -6.71 1.90
CA ASP A 36 -3.58 -6.38 3.19
C ASP A 36 -3.80 -4.91 3.57
N CYS A 37 -4.54 -4.15 2.74
CA CYS A 37 -4.50 -2.67 2.83
C CYS A 37 -5.27 -2.02 4.00
N ASP A 38 -5.72 -2.86 4.93
CA ASP A 38 -6.88 -2.72 5.83
C ASP A 38 -8.22 -2.35 5.15
N ASP A 39 -8.18 -2.16 3.84
CA ASP A 39 -9.31 -2.17 2.90
C ASP A 39 -9.13 -3.17 1.76
N GLY A 40 -7.95 -3.81 1.70
CA GLY A 40 -7.57 -4.63 0.53
C GLY A 40 -7.32 -3.85 -0.74
N ARG A 41 -7.16 -2.53 -0.63
CA ARG A 41 -6.94 -1.60 -1.75
C ARG A 41 -5.51 -1.65 -2.29
N ASP A 42 -4.72 -2.60 -1.79
CA ASP A 42 -3.47 -3.01 -2.39
C ASP A 42 -3.69 -3.94 -3.58
N GLU A 43 -4.78 -4.69 -3.53
CA GLU A 43 -5.16 -5.59 -4.60
C GLU A 43 -5.83 -4.86 -5.76
N TRP A 44 -6.57 -3.81 -5.42
CA TRP A 44 -7.55 -3.16 -6.28
C TRP A 44 -6.94 -2.56 -7.53
N GLY A 45 -7.29 -3.20 -8.64
CA GLY A 45 -6.87 -2.85 -9.99
C GLY A 45 -5.42 -3.26 -10.32
N CYS A 46 -4.68 -3.83 -9.37
CA CYS A 46 -3.29 -4.29 -9.48
C CYS A 46 -2.32 -3.29 -10.18
N GLY A 47 -2.60 -1.99 -10.05
CA GLY A 47 -1.85 -0.86 -10.64
C GLY A 47 -2.39 0.50 -10.22
N SER A 6 5.50 7.94 -0.26
CA SER A 6 6.74 8.66 0.07
C SER A 6 7.41 8.03 1.30
N CYS A 7 8.18 6.99 1.01
CA CYS A 7 8.76 6.02 1.92
C CYS A 7 10.09 5.53 1.28
N PRO A 8 10.76 4.47 1.76
CA PRO A 8 11.86 3.89 1.01
C PRO A 8 11.38 3.35 -0.35
N PRO A 9 12.29 3.04 -1.31
CA PRO A 9 11.89 2.46 -2.59
C PRO A 9 11.31 1.06 -2.39
N GLY A 10 10.32 0.77 -3.23
CA GLY A 10 9.47 -0.40 -3.15
C GLY A 10 8.54 -0.47 -1.93
N GLN A 11 8.20 0.67 -1.29
CA GLN A 11 7.27 0.79 -0.17
C GLN A 11 6.28 1.94 -0.42
N PHE A 12 4.99 1.64 -0.38
CA PHE A 12 3.87 2.59 -0.54
C PHE A 12 2.96 2.65 0.70
N ARG A 13 2.07 3.65 0.81
CA ARG A 13 1.03 3.71 1.87
C ARG A 13 -0.38 3.39 1.36
N CYS A 14 -1.15 2.74 2.21
CA CYS A 14 -2.46 2.17 1.89
C CYS A 14 -3.62 3.17 2.06
N SER A 15 -4.19 3.19 3.27
CA SER A 15 -5.53 3.71 3.57
C SER A 15 -5.52 4.93 4.51
N GLU A 16 -4.43 5.68 4.38
CA GLU A 16 -4.16 6.97 5.00
C GLU A 16 -3.48 7.90 3.97
N PRO A 17 -4.06 9.07 3.64
CA PRO A 17 -3.57 9.97 2.58
C PRO A 17 -2.29 10.73 2.97
N PRO A 18 -1.64 11.41 2.00
CA PRO A 18 -0.58 12.39 2.26
C PRO A 18 -0.97 13.51 3.23
N GLY A 19 0.05 14.23 3.69
CA GLY A 19 -0.02 15.13 4.86
C GLY A 19 0.00 14.40 6.22
N ALA A 20 -0.11 13.07 6.19
CA ALA A 20 0.19 12.13 7.26
C ALA A 20 1.06 11.01 6.69
N HIS A 21 2.38 11.20 6.76
CA HIS A 21 3.43 10.26 6.29
C HIS A 21 3.14 8.80 6.64
N GLY A 22 2.76 8.60 7.90
CA GLY A 22 2.21 7.35 8.44
C GLY A 22 3.18 6.17 8.41
N GLU A 23 2.65 4.98 8.14
CA GLU A 23 3.40 3.73 8.04
C GLU A 23 2.92 2.90 6.83
N CYS A 24 3.89 2.70 5.96
CA CYS A 24 3.83 2.09 4.65
C CYS A 24 3.82 0.56 4.70
N TYR A 25 3.79 -0.06 3.52
CA TYR A 25 3.89 -1.51 3.30
C TYR A 25 4.67 -1.76 2.00
N PRO A 26 5.30 -2.94 1.80
CA PRO A 26 6.01 -3.23 0.56
C PRO A 26 5.07 -3.19 -0.64
N GLN A 27 5.59 -2.81 -1.81
CA GLN A 27 4.91 -2.97 -3.11
C GLN A 27 4.94 -4.42 -3.62
N ASP A 28 5.58 -5.32 -2.88
CA ASP A 28 5.31 -6.76 -2.92
C ASP A 28 3.86 -7.07 -2.51
N TRP A 29 3.39 -6.28 -1.55
CA TRP A 29 2.02 -6.17 -1.06
C TRP A 29 1.24 -5.08 -1.80
N LEU A 30 1.44 -5.07 -3.11
CA LEU A 30 0.65 -4.40 -4.13
C LEU A 30 0.39 -5.41 -5.26
N CYS A 31 -0.84 -5.92 -5.34
CA CYS A 31 -1.28 -7.11 -6.05
C CYS A 31 -0.43 -8.35 -5.70
N ASP A 32 -0.56 -8.77 -4.44
CA ASP A 32 0.02 -10.03 -3.94
C ASP A 32 -0.88 -11.24 -4.27
N GLY A 33 -2.13 -10.98 -4.69
CA GLY A 33 -3.19 -11.98 -4.81
C GLY A 33 -3.97 -12.22 -3.50
N HIS A 34 -3.64 -11.40 -2.51
CA HIS A 34 -4.09 -11.38 -1.12
C HIS A 34 -4.14 -9.92 -0.64
N PRO A 35 -5.29 -9.39 -0.17
CA PRO A 35 -5.36 -8.02 0.31
C PRO A 35 -4.64 -7.87 1.64
N ASP A 36 -4.15 -6.67 1.93
CA ASP A 36 -3.53 -6.34 3.22
C ASP A 36 -3.71 -4.87 3.57
N CYS A 37 -4.45 -4.09 2.76
CA CYS A 37 -4.40 -2.61 2.85
C CYS A 37 -5.12 -1.96 4.04
N ASP A 38 -5.55 -2.79 4.98
CA ASP A 38 -6.69 -2.66 5.90
C ASP A 38 -8.05 -2.30 5.25
N ASP A 39 -8.03 -2.10 3.94
CA ASP A 39 -9.16 -2.02 3.01
C ASP A 39 -9.02 -2.99 1.83
N GLY A 40 -7.87 -3.68 1.76
CA GLY A 40 -7.53 -4.51 0.61
C GLY A 40 -7.28 -3.76 -0.70
N ARG A 41 -7.09 -2.44 -0.61
CA ARG A 41 -6.89 -1.54 -1.76
C ARG A 41 -5.47 -1.64 -2.34
N ASP A 42 -4.68 -2.58 -1.82
CA ASP A 42 -3.44 -3.02 -2.42
C ASP A 42 -3.70 -3.96 -3.59
N GLU A 43 -4.80 -4.69 -3.51
CA GLU A 43 -5.19 -5.60 -4.57
C GLU A 43 -5.85 -4.87 -5.75
N TRP A 44 -6.55 -3.79 -5.43
CA TRP A 44 -7.53 -3.14 -6.29
C TRP A 44 -6.90 -2.59 -7.56
N GLY A 45 -7.27 -3.25 -8.65
CA GLY A 45 -6.86 -2.95 -10.01
C GLY A 45 -5.43 -3.39 -10.36
N CYS A 46 -4.68 -3.95 -9.39
CA CYS A 46 -3.30 -4.43 -9.51
C CYS A 46 -2.30 -3.51 -10.23
N GLY A 47 -2.60 -2.20 -10.30
CA GLY A 47 -1.82 -1.14 -10.95
C GLY A 47 -2.68 0.01 -11.46
N SER A 6 4.75 6.98 -0.89
CA SER A 6 6.02 7.71 -1.06
C SER A 6 6.78 7.58 0.26
N CYS A 7 7.62 6.55 0.29
CA CYS A 7 8.32 5.98 1.44
C CYS A 7 9.75 5.62 0.95
N PRO A 8 10.50 4.67 1.54
CA PRO A 8 11.65 4.11 0.83
C PRO A 8 11.25 3.45 -0.49
N PRO A 9 12.19 3.15 -1.41
CA PRO A 9 11.88 2.46 -2.65
C PRO A 9 11.37 1.04 -2.37
N GLY A 10 10.42 0.65 -3.21
CA GLY A 10 9.65 -0.58 -3.07
C GLY A 10 8.67 -0.62 -1.88
N GLN A 11 8.31 0.52 -1.27
CA GLN A 11 7.33 0.66 -0.20
C GLN A 11 6.36 1.81 -0.53
N PHE A 12 5.06 1.55 -0.39
CA PHE A 12 3.97 2.53 -0.55
C PHE A 12 3.05 2.60 0.68
N ARG A 13 2.21 3.64 0.80
CA ARG A 13 1.15 3.73 1.83
C ARG A 13 -0.25 3.46 1.29
N CYS A 14 -1.06 2.81 2.12
CA CYS A 14 -2.37 2.28 1.77
C CYS A 14 -3.53 3.29 1.90
N SER A 15 -4.12 3.35 3.09
CA SER A 15 -5.46 3.88 3.35
C SER A 15 -5.47 5.10 4.28
N GLU A 16 -4.38 5.84 4.20
CA GLU A 16 -4.11 7.11 4.87
C GLU A 16 -3.39 8.08 3.91
N PRO A 17 -3.97 9.27 3.62
CA PRO A 17 -3.45 10.20 2.61
C PRO A 17 -2.19 10.97 3.08
N PRO A 18 -1.50 11.70 2.17
CA PRO A 18 -0.42 12.61 2.51
C PRO A 18 -0.76 13.68 3.57
N GLY A 19 0.29 14.32 4.09
CA GLY A 19 0.27 15.17 5.28
C GLY A 19 0.12 14.42 6.62
N ALA A 20 -0.23 13.13 6.56
CA ALA A 20 -0.23 12.16 7.65
C ALA A 20 0.62 10.94 7.22
N HIS A 21 1.94 11.12 7.28
CA HIS A 21 2.97 10.28 6.67
C HIS A 21 2.86 8.77 6.96
N GLY A 22 2.44 8.43 8.17
CA GLY A 22 2.00 7.10 8.58
C GLY A 22 3.10 6.04 8.51
N GLU A 23 2.68 4.79 8.30
CA GLU A 23 3.54 3.61 8.12
C GLU A 23 3.05 2.76 6.96
N CYS A 24 3.96 2.63 6.01
CA CYS A 24 3.87 2.05 4.70
C CYS A 24 3.91 0.51 4.73
N TYR A 25 3.87 -0.10 3.54
CA TYR A 25 3.96 -1.54 3.31
C TYR A 25 4.76 -1.80 2.01
N PRO A 26 5.38 -2.98 1.83
CA PRO A 26 6.09 -3.28 0.58
C PRO A 26 5.15 -3.23 -0.63
N GLN A 27 5.68 -2.88 -1.79
CA GLN A 27 5.00 -3.03 -3.09
C GLN A 27 5.01 -4.48 -3.59
N ASP A 28 5.63 -5.39 -2.84
CA ASP A 28 5.33 -6.82 -2.88
C ASP A 28 3.89 -7.10 -2.46
N TRP A 29 3.43 -6.31 -1.51
CA TRP A 29 2.07 -6.17 -1.03
C TRP A 29 1.29 -5.08 -1.76
N LEU A 30 1.49 -5.08 -3.08
CA LEU A 30 0.72 -4.40 -4.11
C LEU A 30 0.45 -5.41 -5.24
N CYS A 31 -0.78 -5.92 -5.32
CA CYS A 31 -1.21 -7.12 -6.03
C CYS A 31 -0.37 -8.35 -5.66
N ASP A 32 -0.50 -8.76 -4.39
CA ASP A 32 0.07 -10.02 -3.89
C ASP A 32 -0.83 -11.23 -4.21
N GLY A 33 -2.08 -10.97 -4.62
CA GLY A 33 -3.15 -11.96 -4.73
C GLY A 33 -3.92 -12.19 -3.44
N HIS A 34 -3.61 -11.36 -2.44
CA HIS A 34 -4.06 -11.33 -1.06
C HIS A 34 -4.10 -9.86 -0.58
N PRO A 35 -5.24 -9.32 -0.11
CA PRO A 35 -5.31 -7.95 0.35
C PRO A 35 -4.61 -7.77 1.69
N ASP A 36 -4.12 -6.56 1.95
CA ASP A 36 -3.52 -6.21 3.24
C ASP A 36 -3.70 -4.73 3.58
N CYS A 37 -4.44 -3.97 2.74
CA CYS A 37 -4.39 -2.50 2.80
C CYS A 37 -5.12 -1.83 3.98
N ASP A 38 -5.56 -2.65 4.93
CA ASP A 38 -6.71 -2.50 5.84
C ASP A 38 -8.06 -2.16 5.16
N ASP A 39 -8.04 -1.96 3.85
CA ASP A 39 -9.15 -1.91 2.90
C ASP A 39 -8.99 -2.91 1.75
N GLY A 40 -7.86 -3.59 1.70
CA GLY A 40 -7.50 -4.45 0.57
C GLY A 40 -7.25 -3.71 -0.74
N ARG A 41 -7.06 -2.39 -0.68
CA ARG A 41 -6.84 -1.51 -1.84
C ARG A 41 -5.43 -1.62 -2.40
N ASP A 42 -4.63 -2.55 -1.86
CA ASP A 42 -3.39 -2.98 -2.45
C ASP A 42 -3.65 -3.93 -3.61
N GLU A 43 -4.74 -4.67 -3.52
CA GLU A 43 -5.14 -5.59 -4.58
C GLU A 43 -5.80 -4.89 -5.76
N TRP A 44 -6.52 -3.81 -5.44
CA TRP A 44 -7.51 -3.19 -6.31
C TRP A 44 -6.89 -2.64 -7.59
N GLY A 45 -7.24 -3.32 -8.68
CA GLY A 45 -6.84 -3.02 -10.03
C GLY A 45 -5.39 -3.44 -10.36
N CYS A 46 -4.64 -3.99 -9.39
CA CYS A 46 -3.26 -4.46 -9.49
C CYS A 46 -2.27 -3.52 -10.22
N GLY A 47 -2.56 -2.21 -10.19
CA GLY A 47 -1.78 -1.12 -10.82
C GLY A 47 -2.57 0.18 -10.94
N SER A 6 5.27 7.59 -1.53
CA SER A 6 6.46 8.35 -1.13
C SER A 6 6.90 7.94 0.27
N CYS A 7 7.79 6.94 0.29
CA CYS A 7 8.35 6.23 1.42
C CYS A 7 9.78 5.78 1.00
N PRO A 8 10.45 4.80 1.65
CA PRO A 8 11.61 4.18 1.00
C PRO A 8 11.24 3.50 -0.33
N PRO A 9 12.21 3.12 -1.18
CA PRO A 9 11.90 2.44 -2.43
C PRO A 9 11.29 1.06 -2.17
N GLY A 10 10.42 0.68 -3.09
CA GLY A 10 9.58 -0.52 -3.02
C GLY A 10 8.59 -0.54 -1.85
N GLN A 11 8.20 0.61 -1.28
CA GLN A 11 7.23 0.78 -0.20
C GLN A 11 6.24 1.89 -0.55
N PHE A 12 4.94 1.62 -0.37
CA PHE A 12 3.83 2.57 -0.53
C PHE A 12 2.89 2.60 0.70
N ARG A 13 2.06 3.63 0.86
CA ARG A 13 1.00 3.69 1.89
C ARG A 13 -0.40 3.43 1.34
N CYS A 14 -1.23 2.80 2.19
CA CYS A 14 -2.53 2.26 1.84
C CYS A 14 -3.69 3.25 2.00
N SER A 15 -4.28 3.26 3.18
CA SER A 15 -5.62 3.78 3.51
C SER A 15 -5.60 5.01 4.42
N GLU A 16 -4.51 5.75 4.29
CA GLU A 16 -4.21 7.03 4.92
C GLU A 16 -3.46 7.94 3.91
N PRO A 17 -3.97 9.16 3.61
CA PRO A 17 -3.39 10.05 2.59
C PRO A 17 -2.07 10.71 3.04
N PRO A 18 -1.32 11.34 2.10
CA PRO A 18 -0.13 12.12 2.45
C PRO A 18 -0.47 13.38 3.27
N GLY A 19 0.57 14.01 3.81
CA GLY A 19 0.50 14.98 4.92
C GLY A 19 0.29 14.34 6.31
N ALA A 20 -0.10 13.06 6.35
CA ALA A 20 -0.11 12.17 7.50
C ALA A 20 0.71 10.91 7.16
N HIS A 21 2.05 11.07 7.16
CA HIS A 21 3.04 10.17 6.56
C HIS A 21 2.93 8.69 6.96
N GLY A 22 2.61 8.45 8.23
CA GLY A 22 2.26 7.15 8.80
C GLY A 22 3.32 6.06 8.58
N GLU A 23 2.86 4.84 8.36
CA GLU A 23 3.68 3.64 8.10
C GLU A 23 3.11 2.83 6.93
N CYS A 24 3.91 2.82 5.89
CA CYS A 24 3.78 2.15 4.62
C CYS A 24 3.85 0.61 4.72
N TYR A 25 3.79 -0.04 3.56
CA TYR A 25 3.90 -1.48 3.35
C TYR A 25 4.70 -1.74 2.06
N PRO A 26 5.33 -2.91 1.88
CA PRO A 26 6.04 -3.22 0.63
C PRO A 26 5.11 -3.19 -0.57
N GLN A 27 5.63 -2.82 -1.74
CA GLN A 27 4.96 -2.98 -3.04
C GLN A 27 4.98 -4.43 -3.54
N ASP A 28 5.62 -5.33 -2.78
CA ASP A 28 5.34 -6.77 -2.84
C ASP A 28 3.90 -7.08 -2.42
N TRP A 29 3.41 -6.28 -1.47
CA TRP A 29 2.05 -6.17 -1.00
C TRP A 29 1.27 -5.08 -1.74
N LEU A 30 1.47 -5.07 -3.05
CA LEU A 30 0.69 -4.40 -4.09
C LEU A 30 0.45 -5.41 -5.23
N CYS A 31 -0.78 -5.92 -5.31
CA CYS A 31 -1.20 -7.11 -6.05
C CYS A 31 -0.37 -8.35 -5.67
N ASP A 32 -0.52 -8.77 -4.42
CA ASP A 32 0.06 -10.03 -3.91
C ASP A 32 -0.84 -11.23 -4.25
N GLY A 33 -2.08 -10.97 -4.69
CA GLY A 33 -3.15 -11.97 -4.80
C GLY A 33 -3.93 -12.20 -3.51
N HIS A 34 -3.62 -11.39 -2.51
CA HIS A 34 -4.08 -11.36 -1.12
C HIS A 34 -4.13 -9.90 -0.65
N PRO A 35 -5.27 -9.36 -0.17
CA PRO A 35 -5.35 -7.99 0.31
C PRO A 35 -4.62 -7.82 1.64
N ASP A 36 -4.13 -6.62 1.90
CA ASP A 36 -3.53 -6.29 3.19
C ASP A 36 -3.72 -4.79 3.54
N CYS A 37 -4.47 -4.03 2.72
CA CYS A 37 -4.42 -2.56 2.79
C CYS A 37 -5.16 -1.91 3.98
N ASP A 38 -5.58 -2.73 4.93
CA ASP A 38 -6.74 -2.62 5.83
C ASP A 38 -8.10 -2.28 5.17
N ASP A 39 -8.06 -2.06 3.86
CA ASP A 39 -9.16 -1.96 2.90
C ASP A 39 -9.02 -2.94 1.74
N GLY A 40 -7.88 -3.64 1.69
CA GLY A 40 -7.53 -4.49 0.54
C GLY A 40 -7.28 -3.74 -0.76
N ARG A 41 -7.09 -2.43 -0.69
CA ARG A 41 -6.87 -1.54 -1.84
C ARG A 41 -5.47 -1.65 -2.42
N ASP A 42 -4.67 -2.58 -1.88
CA ASP A 42 -3.43 -3.01 -2.47
C ASP A 42 -3.67 -3.96 -3.63
N GLU A 43 -4.78 -4.69 -3.55
CA GLU A 43 -5.16 -5.62 -4.61
C GLU A 43 -5.83 -4.90 -5.79
N TRP A 44 -6.55 -3.83 -5.48
CA TRP A 44 -7.53 -3.21 -6.35
C TRP A 44 -6.91 -2.66 -7.63
N GLY A 45 -7.27 -3.35 -8.71
CA GLY A 45 -6.86 -3.07 -10.07
C GLY A 45 -5.40 -3.46 -10.38
N CYS A 46 -4.65 -4.00 -9.40
CA CYS A 46 -3.26 -4.42 -9.47
C CYS A 46 -2.28 -3.42 -10.15
N GLY A 47 -2.60 -2.12 -10.07
CA GLY A 47 -1.84 -1.00 -10.65
C GLY A 47 -2.47 0.35 -10.36
N SER A 6 5.27 7.90 -0.37
CA SER A 6 6.50 8.64 -0.12
C SER A 6 7.22 8.08 1.11
N CYS A 7 7.99 7.04 0.84
CA CYS A 7 8.60 6.10 1.76
C CYS A 7 9.89 5.58 1.10
N PRO A 8 10.63 4.60 1.66
CA PRO A 8 11.77 4.04 0.95
C PRO A 8 11.35 3.36 -0.36
N PRO A 9 12.28 3.14 -1.32
CA PRO A 9 11.98 2.42 -2.55
C PRO A 9 11.34 1.05 -2.32
N GLY A 10 10.34 0.79 -3.16
CA GLY A 10 9.49 -0.39 -3.08
C GLY A 10 8.54 -0.44 -1.88
N GLN A 11 8.21 0.69 -1.25
CA GLN A 11 7.24 0.83 -0.17
C GLN A 11 6.25 1.98 -0.46
N PHE A 12 4.96 1.66 -0.41
CA PHE A 12 3.83 2.61 -0.58
C PHE A 12 2.91 2.64 0.66
N ARG A 13 1.97 3.60 0.76
CA ARG A 13 0.94 3.64 1.81
C ARG A 13 -0.48 3.37 1.32
N CYS A 14 -1.29 2.83 2.23
CA CYS A 14 -2.62 2.30 1.96
C CYS A 14 -3.76 3.29 2.23
N SER A 15 -4.29 3.24 3.45
CA SER A 15 -5.62 3.75 3.86
C SER A 15 -5.57 5.05 4.66
N GLU A 16 -4.49 5.78 4.44
CA GLU A 16 -4.16 7.08 5.03
C GLU A 16 -3.48 7.99 3.98
N PRO A 17 -4.04 9.18 3.67
CA PRO A 17 -3.54 10.08 2.62
C PRO A 17 -2.23 10.78 2.98
N PRO A 18 -1.55 11.44 2.02
CA PRO A 18 -0.37 12.25 2.28
C PRO A 18 -0.67 13.50 3.15
N GLY A 19 0.39 14.14 3.62
CA GLY A 19 0.38 15.08 4.75
C GLY A 19 0.33 14.41 6.14
N ALA A 20 0.08 13.09 6.17
CA ALA A 20 0.17 12.20 7.33
C ALA A 20 0.95 10.93 6.91
N HIS A 21 2.29 11.05 6.86
CA HIS A 21 3.22 10.10 6.21
C HIS A 21 3.07 8.63 6.65
N GLY A 22 2.82 8.42 7.94
CA GLY A 22 2.38 7.15 8.53
C GLY A 22 3.30 5.96 8.29
N GLU A 23 2.71 4.76 8.34
CA GLU A 23 3.36 3.45 8.14
C GLU A 23 2.84 2.78 6.87
N CYS A 24 3.72 2.85 5.89
CA CYS A 24 3.73 2.19 4.60
C CYS A 24 3.77 0.65 4.69
N TYR A 25 3.77 0.00 3.52
CA TYR A 25 3.89 -1.44 3.33
C TYR A 25 4.68 -1.71 2.03
N PRO A 26 5.31 -2.88 1.84
CA PRO A 26 6.02 -3.18 0.60
C PRO A 26 5.09 -3.17 -0.61
N GLN A 27 5.61 -2.80 -1.77
CA GLN A 27 4.93 -2.97 -3.07
C GLN A 27 4.98 -4.43 -3.58
N ASP A 28 5.62 -5.32 -2.82
CA ASP A 28 5.36 -6.75 -2.86
C ASP A 28 3.91 -7.08 -2.45
N TRP A 29 3.43 -6.28 -1.51
CA TRP A 29 2.05 -6.18 -1.04
C TRP A 29 1.27 -5.10 -1.78
N LEU A 30 1.47 -5.09 -3.09
CA LEU A 30 0.68 -4.42 -4.12
C LEU A 30 0.44 -5.44 -5.25
N CYS A 31 -0.80 -5.95 -5.34
CA CYS A 31 -1.24 -7.13 -6.06
C CYS A 31 -0.39 -8.38 -5.69
N ASP A 32 -0.53 -8.80 -4.43
CA ASP A 32 0.04 -10.05 -3.93
C ASP A 32 -0.86 -11.26 -4.26
N GLY A 33 -2.11 -10.99 -4.68
CA GLY A 33 -3.19 -11.99 -4.79
C GLY A 33 -3.96 -12.22 -3.49
N HIS A 34 -3.64 -11.40 -2.49
CA HIS A 34 -4.09 -11.37 -1.11
C HIS A 34 -4.13 -9.91 -0.64
N PRO A 35 -5.26 -9.38 -0.14
CA PRO A 35 -5.33 -8.00 0.34
C PRO A 35 -4.59 -7.84 1.66
N ASP A 36 -4.09 -6.63 1.90
CA ASP A 36 -3.49 -6.28 3.19
C ASP A 36 -3.68 -4.80 3.53
N CYS A 37 -4.43 -4.05 2.70
CA CYS A 37 -4.40 -2.58 2.78
C CYS A 37 -5.16 -1.94 3.97
N ASP A 38 -5.57 -2.79 4.91
CA ASP A 38 -6.74 -2.69 5.82
C ASP A 38 -8.09 -2.35 5.16
N ASP A 39 -8.06 -2.11 3.85
CA ASP A 39 -9.16 -2.00 2.90
C ASP A 39 -9.02 -2.98 1.74
N GLY A 40 -7.88 -3.67 1.68
CA GLY A 40 -7.52 -4.51 0.53
C GLY A 40 -7.27 -3.76 -0.77
N ARG A 41 -7.08 -2.44 -0.69
CA ARG A 41 -6.87 -1.55 -1.84
C ARG A 41 -5.46 -1.66 -2.42
N ASP A 42 -4.67 -2.58 -1.88
CA ASP A 42 -3.43 -3.02 -2.47
C ASP A 42 -3.67 -3.97 -3.63
N GLU A 43 -4.77 -4.70 -3.55
CA GLU A 43 -5.16 -5.62 -4.60
C GLU A 43 -5.82 -4.92 -5.78
N TRP A 44 -6.54 -3.85 -5.46
CA TRP A 44 -7.53 -3.22 -6.33
C TRP A 44 -6.92 -2.67 -7.62
N GLY A 45 -7.27 -3.35 -8.69
CA GLY A 45 -6.86 -3.06 -10.06
C GLY A 45 -5.42 -3.46 -10.38
N CYS A 46 -4.67 -4.01 -9.41
CA CYS A 46 -3.29 -4.47 -9.51
C CYS A 46 -2.31 -3.50 -10.24
N GLY A 47 -2.60 -2.20 -10.20
CA GLY A 47 -1.85 -1.11 -10.83
C GLY A 47 -2.60 0.23 -10.82
N SER A 6 5.31 7.30 -1.44
CA SER A 6 6.54 8.05 -1.14
C SER A 6 7.01 7.75 0.28
N CYS A 7 7.90 6.78 0.37
CA CYS A 7 8.46 6.15 1.56
C CYS A 7 9.91 5.74 1.20
N PRO A 8 10.57 4.71 1.80
CA PRO A 8 11.71 4.08 1.11
C PRO A 8 11.29 3.50 -0.25
N PRO A 9 12.24 3.12 -1.14
CA PRO A 9 11.89 2.51 -2.41
C PRO A 9 11.27 1.12 -2.21
N GLY A 10 10.38 0.79 -3.14
CA GLY A 10 9.53 -0.39 -3.11
C GLY A 10 8.56 -0.45 -1.92
N GLN A 11 8.19 0.67 -1.30
CA GLN A 11 7.24 0.79 -0.19
C GLN A 11 6.26 1.94 -0.47
N PHE A 12 4.97 1.63 -0.40
CA PHE A 12 3.84 2.58 -0.56
C PHE A 12 2.92 2.62 0.67
N ARG A 13 2.05 3.63 0.80
CA ARG A 13 1.01 3.71 1.84
C ARG A 13 -0.40 3.45 1.31
N CYS A 14 -1.20 2.81 2.16
CA CYS A 14 -2.53 2.27 1.82
C CYS A 14 -3.66 3.28 1.98
N SER A 15 -4.23 3.31 3.19
CA SER A 15 -5.57 3.85 3.49
C SER A 15 -5.54 5.08 4.41
N GLU A 16 -4.46 5.82 4.29
CA GLU A 16 -4.16 7.09 4.95
C GLU A 16 -3.42 8.03 3.96
N PRO A 17 -3.98 9.22 3.64
CA PRO A 17 -3.44 10.12 2.61
C PRO A 17 -2.16 10.87 3.04
N PRO A 18 -1.48 11.56 2.10
CA PRO A 18 -0.37 12.47 2.41
C PRO A 18 -0.67 13.56 3.43
N GLY A 19 0.39 14.21 3.91
CA GLY A 19 0.40 15.10 5.08
C GLY A 19 0.27 14.37 6.44
N ALA A 20 -0.06 13.09 6.42
CA ALA A 20 -0.03 12.14 7.54
C ALA A 20 0.79 10.90 7.11
N HIS A 21 2.12 11.05 7.13
CA HIS A 21 3.11 10.16 6.53
C HIS A 21 2.97 8.67 6.92
N GLY A 22 2.60 8.42 8.16
CA GLY A 22 2.16 7.14 8.69
C GLY A 22 3.20 6.02 8.55
N GLU A 23 2.71 4.80 8.30
CA GLU A 23 3.52 3.59 8.09
C GLU A 23 3.01 2.80 6.90
N CYS A 24 3.89 2.75 5.91
CA CYS A 24 3.79 2.13 4.62
C CYS A 24 3.84 0.58 4.68
N TYR A 25 3.82 -0.05 3.51
CA TYR A 25 3.92 -1.49 3.30
C TYR A 25 4.70 -1.74 1.99
N PRO A 26 5.34 -2.91 1.82
CA PRO A 26 6.05 -3.21 0.57
C PRO A 26 5.12 -3.19 -0.64
N GLN A 27 5.63 -2.81 -1.81
CA GLN A 27 4.96 -2.98 -3.10
C GLN A 27 4.99 -4.43 -3.61
N ASP A 28 5.63 -5.33 -2.85
CA ASP A 28 5.36 -6.76 -2.89
C ASP A 28 3.92 -7.08 -2.48
N TRP A 29 3.44 -6.28 -1.53
CA TRP A 29 2.06 -6.18 -1.05
C TRP A 29 1.28 -5.10 -1.79
N LEU A 30 1.48 -5.08 -3.10
CA LEU A 30 0.68 -4.41 -4.12
C LEU A 30 0.43 -5.42 -5.26
N CYS A 31 -0.80 -5.95 -5.33
CA CYS A 31 -1.23 -7.14 -6.04
C CYS A 31 -0.38 -8.37 -5.68
N ASP A 32 -0.52 -8.78 -4.42
CA ASP A 32 0.05 -10.04 -3.91
C ASP A 32 -0.85 -11.25 -4.23
N GLY A 33 -2.10 -10.99 -4.65
CA GLY A 33 -3.17 -11.99 -4.76
C GLY A 33 -3.94 -12.22 -3.46
N HIS A 34 -3.63 -11.39 -2.47
CA HIS A 34 -4.07 -11.36 -1.08
C HIS A 34 -4.12 -9.89 -0.61
N PRO A 35 -5.25 -9.36 -0.11
CA PRO A 35 -5.32 -7.99 0.35
C PRO A 35 -4.59 -7.81 1.67
N ASP A 36 -4.10 -6.60 1.93
CA ASP A 36 -3.49 -6.26 3.20
C ASP A 36 -3.69 -4.77 3.55
N CYS A 37 -4.45 -4.02 2.73
CA CYS A 37 -4.43 -2.55 2.81
C CYS A 37 -5.17 -1.91 4.00
N ASP A 38 -5.59 -2.75 4.93
CA ASP A 38 -6.75 -2.64 5.84
C ASP A 38 -8.11 -2.31 5.18
N ASP A 39 -8.08 -2.08 3.87
CA ASP A 39 -9.19 -2.01 2.92
C ASP A 39 -9.02 -2.98 1.75
N GLY A 40 -7.88 -3.65 1.70
CA GLY A 40 -7.52 -4.50 0.54
C GLY A 40 -7.28 -3.75 -0.76
N ARG A 41 -7.10 -2.43 -0.68
CA ARG A 41 -6.88 -1.55 -1.83
C ARG A 41 -5.47 -1.64 -2.39
N ASP A 42 -4.67 -2.57 -1.86
CA ASP A 42 -3.43 -3.00 -2.46
C ASP A 42 -3.68 -3.95 -3.62
N GLU A 43 -4.77 -4.70 -3.54
CA GLU A 43 -5.16 -5.62 -4.58
C GLU A 43 -5.83 -4.92 -5.76
N TRP A 44 -6.55 -3.84 -5.46
CA TRP A 44 -7.54 -3.21 -6.32
C TRP A 44 -6.92 -2.67 -7.60
N GLY A 45 -7.28 -3.35 -8.68
CA GLY A 45 -6.86 -3.05 -10.05
C GLY A 45 -5.42 -3.48 -10.37
N CYS A 46 -4.67 -4.03 -9.40
CA CYS A 46 -3.29 -4.48 -9.49
C CYS A 46 -2.30 -3.51 -10.20
N GLY A 47 -2.60 -2.21 -10.17
CA GLY A 47 -1.82 -1.12 -10.78
C GLY A 47 -2.46 0.27 -10.59
N SER A 6 5.31 7.90 -0.58
CA SER A 6 6.54 8.65 -0.28
C SER A 6 7.23 8.07 0.97
N CYS A 7 8.00 7.03 0.70
CA CYS A 7 8.61 6.09 1.62
C CYS A 7 9.89 5.56 0.96
N PRO A 8 10.64 4.59 1.54
CA PRO A 8 11.78 4.02 0.84
C PRO A 8 11.35 3.31 -0.47
N PRO A 9 12.26 3.09 -1.42
CA PRO A 9 11.97 2.33 -2.64
C PRO A 9 11.35 0.97 -2.37
N GLY A 10 10.34 0.67 -3.17
CA GLY A 10 9.52 -0.52 -3.06
C GLY A 10 8.56 -0.55 -1.86
N GLN A 11 8.23 0.59 -1.25
CA GLN A 11 7.27 0.76 -0.16
C GLN A 11 6.29 1.90 -0.46
N PHE A 12 4.99 1.61 -0.35
CA PHE A 12 3.86 2.56 -0.51
C PHE A 12 2.94 2.59 0.73
N ARG A 13 2.05 3.58 0.85
CA ARG A 13 1.02 3.65 1.91
C ARG A 13 -0.40 3.33 1.43
N CYS A 14 -1.17 2.71 2.32
CA CYS A 14 -2.51 2.17 2.04
C CYS A 14 -3.65 3.17 2.28
N SER A 15 -4.15 3.18 3.52
CA SER A 15 -5.49 3.67 3.92
C SER A 15 -5.47 5.01 4.67
N GLU A 16 -4.41 5.75 4.44
CA GLU A 16 -4.12 7.09 4.97
C GLU A 16 -3.41 7.93 3.88
N PRO A 17 -3.98 9.07 3.43
CA PRO A 17 -3.41 9.90 2.35
C PRO A 17 -2.16 10.69 2.78
N PRO A 18 -1.45 11.33 1.82
CA PRO A 18 -0.37 12.28 2.11
C PRO A 18 -0.74 13.43 3.05
N GLY A 19 0.29 14.12 3.53
CA GLY A 19 0.24 15.08 4.66
C GLY A 19 0.12 14.42 6.04
N ALA A 20 -0.20 13.13 6.09
CA ALA A 20 -0.16 12.24 7.25
C ALA A 20 0.66 10.99 6.89
N HIS A 21 1.99 11.15 6.86
CA HIS A 21 2.96 10.24 6.24
C HIS A 21 2.86 8.77 6.65
N GLY A 22 2.53 8.52 7.93
CA GLY A 22 2.19 7.22 8.48
C GLY A 22 3.29 6.16 8.34
N GLU A 23 2.87 4.89 8.29
CA GLU A 23 3.71 3.70 8.09
C GLU A 23 3.17 2.83 6.97
N CYS A 24 4.01 2.79 5.94
CA CYS A 24 3.89 2.13 4.67
C CYS A 24 3.93 0.59 4.75
N TYR A 25 3.86 -0.06 3.58
CA TYR A 25 3.96 -1.50 3.38
C TYR A 25 4.72 -1.77 2.06
N PRO A 26 5.33 -2.95 1.88
CA PRO A 26 6.03 -3.26 0.63
C PRO A 26 5.08 -3.23 -0.57
N GLN A 27 5.60 -2.85 -1.74
CA GLN A 27 4.91 -3.02 -3.03
C GLN A 27 4.93 -4.47 -3.54
N ASP A 28 5.57 -5.37 -2.79
CA ASP A 28 5.29 -6.80 -2.85
C ASP A 28 3.84 -7.10 -2.44
N TRP A 29 3.37 -6.31 -1.48
CA TRP A 29 2.00 -6.19 -1.01
C TRP A 29 1.23 -5.09 -1.75
N LEU A 30 1.43 -5.07 -3.06
CA LEU A 30 0.65 -4.38 -4.08
C LEU A 30 0.40 -5.37 -5.23
N CYS A 31 -0.83 -5.88 -5.34
CA CYS A 31 -1.27 -7.05 -6.08
C CYS A 31 -0.41 -8.29 -5.75
N ASP A 32 -0.53 -8.73 -4.49
CA ASP A 32 0.05 -9.99 -4.03
C ASP A 32 -0.84 -11.20 -4.37
N GLY A 33 -2.09 -10.94 -4.78
CA GLY A 33 -3.16 -11.94 -4.90
C GLY A 33 -3.92 -12.19 -3.60
N HIS A 34 -3.61 -11.39 -2.59
CA HIS A 34 -4.03 -11.39 -1.20
C HIS A 34 -4.09 -9.93 -0.71
N PRO A 35 -5.24 -9.42 -0.23
CA PRO A 35 -5.32 -8.05 0.27
C PRO A 35 -4.62 -7.89 1.61
N ASP A 36 -4.15 -6.68 1.90
CA ASP A 36 -3.57 -6.37 3.21
C ASP A 36 -3.78 -4.89 3.58
N CYS A 37 -4.51 -4.13 2.76
CA CYS A 37 -4.47 -2.65 2.87
C CYS A 37 -5.24 -2.01 4.04
N ASP A 38 -5.68 -2.86 4.97
CA ASP A 38 -6.84 -2.74 5.87
C ASP A 38 -8.18 -2.37 5.21
N ASP A 39 -8.15 -2.16 3.89
CA ASP A 39 -9.28 -2.15 2.96
C ASP A 39 -9.10 -3.12 1.79
N GLY A 40 -7.93 -3.76 1.71
CA GLY A 40 -7.55 -4.58 0.55
C GLY A 40 -7.30 -3.79 -0.72
N ARG A 41 -7.14 -2.48 -0.61
CA ARG A 41 -6.91 -1.54 -1.73
C ARG A 41 -5.49 -1.60 -2.27
N ASP A 42 -4.70 -2.56 -1.78
CA ASP A 42 -3.45 -2.97 -2.38
C ASP A 42 -3.69 -3.90 -3.56
N GLU A 43 -4.78 -4.65 -3.51
CA GLU A 43 -5.15 -5.55 -4.59
C GLU A 43 -5.82 -4.81 -5.76
N TRP A 44 -6.54 -3.76 -5.42
CA TRP A 44 -7.52 -3.11 -6.28
C TRP A 44 -6.89 -2.50 -7.52
N GLY A 45 -7.24 -3.13 -8.63
CA GLY A 45 -6.81 -2.77 -9.97
C GLY A 45 -5.38 -3.21 -10.32
N CYS A 46 -4.64 -3.81 -9.38
CA CYS A 46 -3.27 -4.30 -9.50
C CYS A 46 -2.29 -3.34 -10.24
N GLY A 47 -2.52 -2.02 -10.09
CA GLY A 47 -1.76 -0.93 -10.70
C GLY A 47 -2.06 0.44 -10.08
N SER A 6 4.69 6.74 -0.92
CA SER A 6 6.03 7.29 -1.13
C SER A 6 6.73 7.31 0.23
N CYS A 7 7.54 6.28 0.47
CA CYS A 7 8.17 5.92 1.73
C CYS A 7 9.68 5.72 1.44
N PRO A 8 10.42 4.70 1.93
CA PRO A 8 11.55 4.18 1.17
C PRO A 8 11.11 3.64 -0.21
N PRO A 9 12.05 3.37 -1.14
CA PRO A 9 11.70 2.76 -2.42
C PRO A 9 11.17 1.34 -2.23
N GLY A 10 10.26 0.96 -3.11
CA GLY A 10 9.50 -0.27 -3.06
C GLY A 10 8.54 -0.40 -1.87
N GLN A 11 8.16 0.70 -1.20
CA GLN A 11 7.23 0.77 -0.08
C GLN A 11 6.25 1.93 -0.31
N PHE A 12 4.95 1.61 -0.31
CA PHE A 12 3.85 2.57 -0.52
C PHE A 12 2.90 2.64 0.70
N ARG A 13 2.05 3.67 0.80
CA ARG A 13 1.00 3.77 1.83
C ARG A 13 -0.41 3.49 1.30
N CYS A 14 -1.21 2.85 2.15
CA CYS A 14 -2.52 2.29 1.84
C CYS A 14 -3.67 3.29 2.01
N SER A 15 -4.23 3.32 3.22
CA SER A 15 -5.57 3.86 3.53
C SER A 15 -5.53 5.05 4.49
N GLU A 16 -4.44 5.80 4.39
CA GLU A 16 -4.15 7.06 5.06
C GLU A 16 -3.45 8.02 4.06
N PRO A 17 -4.02 9.22 3.79
CA PRO A 17 -3.54 10.13 2.74
C PRO A 17 -2.24 10.87 3.11
N PRO A 18 -1.60 11.58 2.14
CA PRO A 18 -0.47 12.48 2.39
C PRO A 18 -0.74 13.56 3.44
N GLY A 19 0.36 14.20 3.87
CA GLY A 19 0.43 15.08 5.04
C GLY A 19 0.38 14.35 6.40
N ALA A 20 0.02 13.07 6.41
CA ALA A 20 0.09 12.13 7.51
C ALA A 20 0.91 10.91 7.05
N HIS A 21 2.24 11.10 6.97
CA HIS A 21 3.21 10.23 6.31
C HIS A 21 3.15 8.75 6.72
N GLY A 22 2.92 8.50 8.02
CA GLY A 22 2.58 7.21 8.60
C GLY A 22 3.62 6.09 8.35
N GLU A 23 3.14 4.86 8.32
CA GLU A 23 3.92 3.65 8.06
C GLU A 23 3.27 2.80 6.96
N CYS A 24 3.99 2.83 5.85
CA CYS A 24 3.82 2.11 4.61
C CYS A 24 3.92 0.58 4.71
N TYR A 25 3.79 -0.06 3.55
CA TYR A 25 3.92 -1.49 3.32
C TYR A 25 4.68 -1.75 2.02
N PRO A 26 5.34 -2.92 1.83
CA PRO A 26 6.05 -3.21 0.59
C PRO A 26 5.12 -3.20 -0.62
N GLN A 27 5.64 -2.82 -1.78
CA GLN A 27 4.97 -2.98 -3.07
C GLN A 27 5.00 -4.43 -3.60
N ASP A 28 5.63 -5.32 -2.84
CA ASP A 28 5.36 -6.76 -2.89
C ASP A 28 3.91 -7.08 -2.49
N TRP A 29 3.43 -6.29 -1.53
CA TRP A 29 2.07 -6.19 -1.05
C TRP A 29 1.28 -5.10 -1.78
N LEU A 30 1.48 -5.08 -3.10
CA LEU A 30 0.70 -4.41 -4.13
C LEU A 30 0.45 -5.40 -5.27
N CYS A 31 -0.79 -5.92 -5.35
CA CYS A 31 -1.22 -7.12 -6.06
C CYS A 31 -0.37 -8.35 -5.67
N ASP A 32 -0.51 -8.77 -4.42
CA ASP A 32 0.06 -10.04 -3.92
C ASP A 32 -0.85 -11.24 -4.26
N GLY A 33 -2.10 -10.97 -4.67
CA GLY A 33 -3.17 -11.96 -4.78
C GLY A 33 -3.95 -12.18 -3.48
N HIS A 34 -3.63 -11.37 -2.48
CA HIS A 34 -4.08 -11.33 -1.11
C HIS A 34 -4.12 -9.86 -0.62
N PRO A 35 -5.26 -9.34 -0.13
CA PRO A 35 -5.32 -7.96 0.34
C PRO A 35 -4.58 -7.78 1.66
N ASP A 36 -4.11 -6.56 1.91
CA ASP A 36 -3.50 -6.22 3.20
C ASP A 36 -3.71 -4.74 3.54
N CYS A 37 -4.47 -3.99 2.72
CA CYS A 37 -4.44 -2.51 2.79
C CYS A 37 -5.20 -1.87 3.97
N ASP A 38 -5.62 -2.70 4.91
CA ASP A 38 -6.78 -2.58 5.81
C ASP A 38 -8.14 -2.25 5.13
N ASP A 39 -8.10 -2.03 3.82
CA ASP A 39 -9.21 -1.96 2.88
C ASP A 39 -9.04 -2.94 1.71
N GLY A 40 -7.89 -3.62 1.66
CA GLY A 40 -7.52 -4.47 0.52
C GLY A 40 -7.27 -3.72 -0.78
N ARG A 41 -7.09 -2.40 -0.70
CA ARG A 41 -6.86 -1.51 -1.85
C ARG A 41 -5.45 -1.61 -2.40
N ASP A 42 -4.66 -2.54 -1.87
CA ASP A 42 -3.41 -2.97 -2.45
C ASP A 42 -3.65 -3.92 -3.62
N GLU A 43 -4.75 -4.66 -3.54
CA GLU A 43 -5.14 -5.59 -4.59
C GLU A 43 -5.78 -4.88 -5.79
N TRP A 44 -6.50 -3.81 -5.49
CA TRP A 44 -7.48 -3.18 -6.36
C TRP A 44 -6.86 -2.66 -7.65
N GLY A 45 -7.24 -3.35 -8.71
CA GLY A 45 -6.84 -3.08 -10.10
C GLY A 45 -5.41 -3.54 -10.44
N CYS A 46 -4.64 -4.06 -9.46
CA CYS A 46 -3.27 -4.56 -9.58
C CYS A 46 -2.30 -3.65 -10.38
N GLY A 47 -2.56 -2.34 -10.38
CA GLY A 47 -1.82 -1.29 -11.11
C GLY A 47 -1.92 0.09 -10.45
N SER A 6 5.11 7.91 -1.44
CA SER A 6 6.32 8.64 -1.03
C SER A 6 6.73 8.17 0.36
N CYS A 7 7.60 7.17 0.32
CA CYS A 7 7.88 6.12 1.27
C CYS A 7 9.35 5.68 1.00
N PRO A 8 9.92 4.70 1.73
CA PRO A 8 11.18 4.11 1.29
C PRO A 8 11.03 3.36 -0.06
N PRO A 9 12.11 2.91 -0.71
CA PRO A 9 12.00 2.16 -1.96
C PRO A 9 11.34 0.80 -1.77
N GLY A 10 10.64 0.38 -2.81
CA GLY A 10 9.76 -0.79 -2.83
C GLY A 10 8.68 -0.80 -1.75
N GLN A 11 8.24 0.38 -1.27
CA GLN A 11 7.18 0.59 -0.29
C GLN A 11 6.24 1.69 -0.79
N PHE A 12 4.96 1.54 -0.47
CA PHE A 12 3.88 2.54 -0.63
C PHE A 12 2.96 2.60 0.60
N ARG A 13 2.13 3.65 0.76
CA ARG A 13 1.08 3.70 1.82
C ARG A 13 -0.32 3.40 1.31
N CYS A 14 -1.11 2.79 2.18
CA CYS A 14 -2.43 2.23 1.87
C CYS A 14 -3.58 3.23 2.07
N SER A 15 -4.15 3.21 3.26
CA SER A 15 -5.50 3.70 3.60
C SER A 15 -5.51 4.95 4.48
N GLU A 16 -4.45 5.73 4.32
CA GLU A 16 -4.20 7.03 4.92
C GLU A 16 -3.54 7.98 3.89
N PRO A 17 -4.09 9.18 3.64
CA PRO A 17 -3.60 10.13 2.63
C PRO A 17 -2.26 10.79 3.02
N PRO A 18 -1.57 11.47 2.07
CA PRO A 18 -0.37 12.24 2.36
C PRO A 18 -0.65 13.47 3.25
N GLY A 19 0.43 14.09 3.74
CA GLY A 19 0.41 15.04 4.86
C GLY A 19 0.28 14.39 6.25
N ALA A 20 -0.01 13.09 6.29
CA ALA A 20 0.02 12.21 7.45
C ALA A 20 0.83 10.95 7.10
N HIS A 21 2.16 11.08 7.11
CA HIS A 21 3.13 10.15 6.51
C HIS A 21 2.99 8.69 6.91
N GLY A 22 2.68 8.46 8.19
CA GLY A 22 2.35 7.15 8.75
C GLY A 22 3.42 6.07 8.53
N GLU A 23 2.97 4.85 8.28
CA GLU A 23 3.78 3.68 7.95
C GLU A 23 3.22 2.95 6.73
N CYS A 24 4.06 2.95 5.71
CA CYS A 24 3.96 2.25 4.46
C CYS A 24 3.94 0.72 4.62
N TYR A 25 3.80 0.02 3.49
CA TYR A 25 3.86 -1.44 3.32
C TYR A 25 4.61 -1.75 2.03
N PRO A 26 5.22 -2.95 1.87
CA PRO A 26 5.94 -3.28 0.65
C PRO A 26 5.06 -3.22 -0.59
N GLN A 27 5.63 -2.88 -1.74
CA GLN A 27 4.98 -3.00 -3.06
C GLN A 27 5.00 -4.45 -3.56
N ASP A 28 5.63 -5.37 -2.82
CA ASP A 28 5.33 -6.80 -2.87
C ASP A 28 3.89 -7.09 -2.46
N TRP A 29 3.40 -6.29 -1.51
CA TRP A 29 2.04 -6.17 -1.03
C TRP A 29 1.28 -5.06 -1.78
N LEU A 30 1.48 -5.06 -3.09
CA LEU A 30 0.71 -4.38 -4.12
C LEU A 30 0.45 -5.38 -5.26
N CYS A 31 -0.77 -5.89 -5.34
CA CYS A 31 -1.21 -7.07 -6.07
C CYS A 31 -0.39 -8.31 -5.72
N ASP A 32 -0.52 -8.74 -4.46
CA ASP A 32 0.06 -9.99 -3.97
C ASP A 32 -0.84 -11.20 -4.31
N GLY A 33 -2.09 -10.95 -4.74
CA GLY A 33 -3.15 -11.94 -4.86
C GLY A 33 -3.92 -12.18 -3.56
N HIS A 34 -3.61 -11.37 -2.56
CA HIS A 34 -4.04 -11.36 -1.17
C HIS A 34 -4.09 -9.89 -0.68
N PRO A 35 -5.23 -9.36 -0.21
CA PRO A 35 -5.30 -7.99 0.28
C PRO A 35 -4.58 -7.85 1.61
N ASP A 36 -4.09 -6.64 1.90
CA ASP A 36 -3.49 -6.33 3.19
C ASP A 36 -3.65 -4.84 3.55
N CYS A 37 -4.39 -4.06 2.74
CA CYS A 37 -4.31 -2.59 2.83
C CYS A 37 -5.04 -1.94 4.03
N ASP A 38 -5.47 -2.77 4.97
CA ASP A 38 -6.62 -2.66 5.89
C ASP A 38 -7.98 -2.29 5.24
N ASP A 39 -7.94 -2.07 3.92
CA ASP A 39 -9.05 -1.93 2.98
C ASP A 39 -8.93 -2.91 1.81
N GLY A 40 -7.81 -3.63 1.75
CA GLY A 40 -7.47 -4.48 0.59
C GLY A 40 -7.23 -3.73 -0.71
N ARG A 41 -7.02 -2.41 -0.63
CA ARG A 41 -6.81 -1.52 -1.78
C ARG A 41 -5.42 -1.63 -2.38
N ASP A 42 -4.62 -2.56 -1.85
CA ASP A 42 -3.39 -3.00 -2.45
C ASP A 42 -3.66 -3.94 -3.62
N GLU A 43 -4.76 -4.67 -3.53
CA GLU A 43 -5.17 -5.58 -4.59
C GLU A 43 -5.83 -4.86 -5.76
N TRP A 44 -6.55 -3.77 -5.43
CA TRP A 44 -7.54 -3.14 -6.28
C TRP A 44 -6.93 -2.59 -7.57
N GLY A 45 -7.30 -3.26 -8.65
CA GLY A 45 -6.89 -2.98 -10.01
C GLY A 45 -5.45 -3.37 -10.34
N CYS A 46 -4.70 -3.92 -9.37
CA CYS A 46 -3.31 -4.37 -9.47
C CYS A 46 -2.31 -3.40 -10.15
N GLY A 47 -2.64 -2.11 -10.21
CA GLY A 47 -1.85 -1.02 -10.81
C GLY A 47 -2.60 0.31 -10.86
N SER A 6 5.44 7.53 -1.37
CA SER A 6 6.63 8.28 -0.92
C SER A 6 7.07 7.81 0.45
N CYS A 7 7.97 6.82 0.43
CA CYS A 7 8.51 6.05 1.53
C CYS A 7 9.91 5.56 1.07
N PRO A 8 10.55 4.53 1.66
CA PRO A 8 11.68 3.89 1.00
C PRO A 8 11.28 3.30 -0.37
N PRO A 9 12.25 2.96 -1.25
CA PRO A 9 11.93 2.32 -2.52
C PRO A 9 11.35 0.93 -2.29
N GLY A 10 10.42 0.58 -3.17
CA GLY A 10 9.59 -0.61 -3.07
C GLY A 10 8.62 -0.64 -1.88
N GLN A 11 8.24 0.51 -1.30
CA GLN A 11 7.27 0.67 -0.22
C GLN A 11 6.29 1.80 -0.56
N PHE A 12 5.00 1.53 -0.36
CA PHE A 12 3.90 2.50 -0.50
C PHE A 12 2.98 2.53 0.75
N ARG A 13 2.19 3.60 0.93
CA ARG A 13 1.14 3.68 1.97
C ARG A 13 -0.26 3.42 1.41
N CYS A 14 -1.07 2.73 2.22
CA CYS A 14 -2.38 2.21 1.84
C CYS A 14 -3.53 3.21 1.96
N SER A 15 -4.14 3.26 3.15
CA SER A 15 -5.49 3.78 3.39
C SER A 15 -5.51 5.03 4.28
N GLU A 16 -4.42 5.78 4.18
CA GLU A 16 -4.18 7.07 4.81
C GLU A 16 -3.44 8.03 3.82
N PRO A 17 -4.02 9.21 3.49
CA PRO A 17 -3.46 10.15 2.52
C PRO A 17 -2.20 10.89 3.04
N PRO A 18 -1.45 11.59 2.16
CA PRO A 18 -0.34 12.43 2.58
C PRO A 18 -0.78 13.65 3.43
N GLY A 19 0.20 14.31 4.04
CA GLY A 19 0.03 15.23 5.17
C GLY A 19 -0.17 14.53 6.53
N ALA A 20 -0.45 13.23 6.52
CA ALA A 20 -0.44 12.30 7.65
C ALA A 20 0.47 11.11 7.29
N HIS A 21 1.78 11.33 7.36
CA HIS A 21 2.84 10.50 6.77
C HIS A 21 2.79 9.00 7.10
N GLY A 22 2.44 8.70 8.34
CA GLY A 22 2.22 7.35 8.87
C GLY A 22 3.40 6.41 8.62
N GLU A 23 3.08 5.17 8.22
CA GLU A 23 3.98 4.15 7.74
C GLU A 23 3.28 3.31 6.66
N CYS A 24 4.11 2.53 5.99
CA CYS A 24 3.91 1.96 4.68
C CYS A 24 3.94 0.42 4.71
N TYR A 25 3.85 -0.18 3.54
CA TYR A 25 3.93 -1.63 3.30
C TYR A 25 4.71 -1.87 2.00
N PRO A 26 5.33 -3.05 1.79
CA PRO A 26 6.03 -3.33 0.55
C PRO A 26 5.10 -3.27 -0.66
N GLN A 27 5.63 -2.89 -1.81
CA GLN A 27 4.94 -3.02 -3.11
C GLN A 27 4.96 -4.47 -3.64
N ASP A 28 5.59 -5.39 -2.91
CA ASP A 28 5.30 -6.82 -2.97
C ASP A 28 3.87 -7.12 -2.55
N TRP A 29 3.40 -6.33 -1.58
CA TRP A 29 2.03 -6.22 -1.09
C TRP A 29 1.26 -5.12 -1.82
N LEU A 30 1.44 -5.09 -3.12
CA LEU A 30 0.66 -4.40 -4.14
C LEU A 30 0.40 -5.40 -5.29
N CYS A 31 -0.82 -5.92 -5.37
CA CYS A 31 -1.25 -7.11 -6.09
C CYS A 31 -0.41 -8.34 -5.73
N ASP A 32 -0.56 -8.77 -4.48
CA ASP A 32 0.02 -10.04 -3.98
C ASP A 32 -0.90 -11.24 -4.31
N GLY A 33 -2.14 -10.97 -4.73
CA GLY A 33 -3.22 -11.97 -4.83
C GLY A 33 -3.98 -12.21 -3.52
N HIS A 34 -3.65 -11.38 -2.53
CA HIS A 34 -4.08 -11.37 -1.14
C HIS A 34 -4.13 -9.90 -0.66
N PRO A 35 -5.27 -9.38 -0.16
CA PRO A 35 -5.34 -8.00 0.33
C PRO A 35 -4.59 -7.85 1.64
N ASP A 36 -4.11 -6.63 1.91
CA ASP A 36 -3.50 -6.30 3.20
C ASP A 36 -3.69 -4.82 3.55
N CYS A 37 -4.44 -4.06 2.74
CA CYS A 37 -4.38 -2.58 2.82
C CYS A 37 -5.11 -1.92 4.00
N ASP A 38 -5.55 -2.75 4.95
CA ASP A 38 -6.70 -2.60 5.86
C ASP A 38 -8.05 -2.25 5.20
N ASP A 39 -8.03 -2.05 3.88
CA ASP A 39 -9.14 -1.96 2.94
C ASP A 39 -9.00 -2.94 1.77
N GLY A 40 -7.86 -3.65 1.72
CA GLY A 40 -7.52 -4.49 0.57
C GLY A 40 -7.26 -3.75 -0.72
N ARG A 41 -7.07 -2.44 -0.66
CA ARG A 41 -6.85 -1.54 -1.81
C ARG A 41 -5.45 -1.66 -2.39
N ASP A 42 -4.66 -2.58 -1.85
CA ASP A 42 -3.43 -3.02 -2.45
C ASP A 42 -3.69 -3.97 -3.62
N GLU A 43 -4.80 -4.70 -3.53
CA GLU A 43 -5.20 -5.61 -4.58
C GLU A 43 -5.85 -4.90 -5.77
N TRP A 44 -6.55 -3.82 -5.46
CA TRP A 44 -7.53 -3.19 -6.31
C TRP A 44 -6.93 -2.66 -7.61
N GLY A 45 -7.31 -3.34 -8.68
CA GLY A 45 -6.92 -3.07 -10.05
C GLY A 45 -5.48 -3.48 -10.39
N CYS A 46 -4.73 -4.04 -9.44
CA CYS A 46 -3.34 -4.49 -9.56
C CYS A 46 -2.40 -3.52 -10.33
N GLY A 47 -2.65 -2.21 -10.18
CA GLY A 47 -1.95 -1.09 -10.85
C GLY A 47 -1.98 0.20 -10.05
N SER A 6 5.32 7.42 -1.36
CA SER A 6 6.48 8.21 -0.94
C SER A 6 6.94 7.79 0.45
N CYS A 7 7.80 6.78 0.45
CA CYS A 7 8.38 6.05 1.56
C CYS A 7 9.78 5.56 1.08
N PRO A 8 10.48 4.60 1.73
CA PRO A 8 11.65 4.01 1.10
C PRO A 8 11.31 3.30 -0.22
N PRO A 9 12.28 3.02 -1.10
CA PRO A 9 12.06 2.27 -2.32
C PRO A 9 11.37 0.92 -2.10
N GLY A 10 10.47 0.63 -3.03
CA GLY A 10 9.60 -0.54 -3.00
C GLY A 10 8.62 -0.59 -1.83
N GLN A 11 8.26 0.55 -1.22
CA GLN A 11 7.26 0.69 -0.16
C GLN A 11 6.29 1.82 -0.50
N PHE A 12 5.00 1.55 -0.32
CA PHE A 12 3.89 2.52 -0.46
C PHE A 12 2.97 2.54 0.79
N ARG A 13 2.14 3.58 0.95
CA ARG A 13 1.09 3.64 2.00
C ARG A 13 -0.31 3.37 1.45
N CYS A 14 -1.12 2.71 2.26
CA CYS A 14 -2.43 2.19 1.91
C CYS A 14 -3.58 3.20 2.07
N SER A 15 -4.16 3.22 3.27
CA SER A 15 -5.51 3.75 3.56
C SER A 15 -5.49 4.98 4.47
N GLU A 16 -4.43 5.74 4.33
CA GLU A 16 -4.18 7.05 4.93
C GLU A 16 -3.49 7.98 3.90
N PRO A 17 -4.07 9.16 3.60
CA PRO A 17 -3.58 10.08 2.56
C PRO A 17 -2.27 10.80 2.95
N PRO A 18 -1.59 11.46 1.98
CA PRO A 18 -0.42 12.30 2.27
C PRO A 18 -0.78 13.54 3.12
N GLY A 19 0.27 14.20 3.61
CA GLY A 19 0.20 15.18 4.72
C GLY A 19 0.06 14.53 6.12
N ALA A 20 -0.16 13.21 6.17
CA ALA A 20 -0.12 12.35 7.34
C ALA A 20 0.71 11.09 7.01
N HIS A 21 2.04 11.24 7.06
CA HIS A 21 3.03 10.30 6.52
C HIS A 21 2.91 8.85 7.01
N GLY A 22 2.47 8.67 8.25
CA GLY A 22 2.17 7.36 8.86
C GLY A 22 3.30 6.35 8.72
N GLU A 23 2.94 5.13 8.30
CA GLU A 23 3.83 4.08 7.85
C GLU A 23 3.17 3.26 6.73
N CYS A 24 4.02 2.49 6.07
CA CYS A 24 3.86 1.94 4.74
C CYS A 24 3.92 0.41 4.76
N TYR A 25 3.85 -0.19 3.57
CA TYR A 25 3.94 -1.63 3.31
C TYR A 25 4.72 -1.86 2.01
N PRO A 26 5.35 -3.03 1.80
CA PRO A 26 6.05 -3.31 0.54
C PRO A 26 5.12 -3.23 -0.66
N GLN A 27 5.63 -2.85 -1.82
CA GLN A 27 4.95 -2.97 -3.11
C GLN A 27 4.97 -4.42 -3.64
N ASP A 28 5.60 -5.34 -2.92
CA ASP A 28 5.32 -6.78 -2.98
C ASP A 28 3.88 -7.08 -2.56
N TRP A 29 3.42 -6.30 -1.59
CA TRP A 29 2.06 -6.19 -1.09
C TRP A 29 1.27 -5.09 -1.81
N LEU A 30 1.47 -5.05 -3.12
CA LEU A 30 0.67 -4.37 -4.13
C LEU A 30 0.42 -5.35 -5.28
N CYS A 31 -0.81 -5.88 -5.36
CA CYS A 31 -1.25 -7.06 -6.10
C CYS A 31 -0.41 -8.30 -5.75
N ASP A 32 -0.54 -8.74 -4.50
CA ASP A 32 0.03 -10.00 -4.02
C ASP A 32 -0.88 -11.20 -4.37
N GLY A 33 -2.12 -10.93 -4.79
CA GLY A 33 -3.19 -11.92 -4.92
C GLY A 33 -3.97 -12.18 -3.62
N HIS A 34 -3.65 -11.37 -2.61
CA HIS A 34 -4.10 -11.37 -1.23
C HIS A 34 -4.13 -9.91 -0.72
N PRO A 35 -5.25 -9.39 -0.18
CA PRO A 35 -5.31 -8.03 0.32
C PRO A 35 -4.55 -7.88 1.62
N ASP A 36 -4.08 -6.67 1.90
CA ASP A 36 -3.47 -6.35 3.19
C ASP A 36 -3.67 -4.87 3.55
N CYS A 37 -4.43 -4.10 2.74
CA CYS A 37 -4.39 -2.63 2.83
C CYS A 37 -5.12 -1.99 4.03
N ASP A 38 -5.55 -2.83 4.96
CA ASP A 38 -6.70 -2.71 5.87
C ASP A 38 -8.06 -2.36 5.22
N ASP A 39 -8.04 -2.14 3.91
CA ASP A 39 -9.15 -2.05 2.98
C ASP A 39 -9.00 -3.02 1.79
N GLY A 40 -7.86 -3.71 1.73
CA GLY A 40 -7.51 -4.54 0.57
C GLY A 40 -7.26 -3.77 -0.72
N ARG A 41 -7.08 -2.45 -0.63
CA ARG A 41 -6.87 -1.54 -1.77
C ARG A 41 -5.46 -1.64 -2.34
N ASP A 42 -4.66 -2.58 -1.83
CA ASP A 42 -3.43 -3.02 -2.44
C ASP A 42 -3.68 -3.94 -3.62
N GLU A 43 -4.79 -4.68 -3.53
CA GLU A 43 -5.19 -5.59 -4.60
C GLU A 43 -5.86 -4.86 -5.76
N TRP A 44 -6.58 -3.78 -5.43
CA TRP A 44 -7.56 -3.14 -6.28
C TRP A 44 -6.95 -2.58 -7.55
N GLY A 45 -7.33 -3.24 -8.64
CA GLY A 45 -6.92 -2.93 -10.01
C GLY A 45 -5.48 -3.33 -10.33
N CYS A 46 -4.72 -3.90 -9.38
CA CYS A 46 -3.33 -4.34 -9.48
C CYS A 46 -2.35 -3.35 -10.14
N GLY A 47 -2.65 -2.04 -10.08
CA GLY A 47 -1.87 -0.91 -10.63
C GLY A 47 -2.23 0.50 -10.07
N SER A 6 5.43 7.45 -1.57
CA SER A 6 6.57 8.27 -1.13
C SER A 6 6.98 7.90 0.29
N CYS A 7 7.88 6.92 0.34
CA CYS A 7 8.40 6.21 1.51
C CYS A 7 9.84 5.76 1.14
N PRO A 8 10.46 4.73 1.76
CA PRO A 8 11.61 4.08 1.12
C PRO A 8 11.22 3.50 -0.26
N PRO A 9 12.20 3.13 -1.12
CA PRO A 9 11.89 2.49 -2.40
C PRO A 9 11.28 1.10 -2.18
N GLY A 10 10.38 0.76 -3.10
CA GLY A 10 9.55 -0.43 -3.04
C GLY A 10 8.56 -0.47 -1.86
N GLN A 11 8.18 0.67 -1.28
CA GLN A 11 7.21 0.82 -0.20
C GLN A 11 6.21 1.94 -0.53
N PHE A 12 4.92 1.65 -0.38
CA PHE A 12 3.80 2.61 -0.55
C PHE A 12 2.86 2.62 0.67
N ARG A 13 2.00 3.65 0.81
CA ARG A 13 0.96 3.72 1.85
C ARG A 13 -0.45 3.45 1.32
N CYS A 14 -1.27 2.86 2.17
CA CYS A 14 -2.59 2.30 1.84
C CYS A 14 -3.74 3.29 2.01
N SER A 15 -4.32 3.31 3.20
CA SER A 15 -5.66 3.85 3.52
C SER A 15 -5.61 5.06 4.45
N GLU A 16 -4.52 5.79 4.33
CA GLU A 16 -4.22 7.07 5.00
C GLU A 16 -3.51 8.02 3.99
N PRO A 17 -4.03 9.24 3.74
CA PRO A 17 -3.52 10.17 2.74
C PRO A 17 -2.17 10.81 3.13
N PRO A 18 -1.47 11.48 2.18
CA PRO A 18 -0.27 12.25 2.50
C PRO A 18 -0.56 13.47 3.38
N GLY A 19 0.51 14.08 3.89
CA GLY A 19 0.50 15.00 5.04
C GLY A 19 0.37 14.31 6.41
N ALA A 20 0.01 13.02 6.42
CA ALA A 20 0.05 12.09 7.55
C ALA A 20 0.86 10.85 7.13
N HIS A 21 2.19 10.99 7.08
CA HIS A 21 3.15 10.10 6.44
C HIS A 21 3.06 8.63 6.86
N GLY A 22 2.79 8.39 8.14
CA GLY A 22 2.40 7.10 8.72
C GLY A 22 3.40 5.96 8.47
N GLU A 23 2.87 4.74 8.38
CA GLU A 23 3.61 3.50 8.11
C GLU A 23 3.04 2.76 6.91
N CYS A 24 3.83 2.83 5.85
CA CYS A 24 3.72 2.16 4.58
C CYS A 24 3.81 0.62 4.69
N TYR A 25 3.75 -0.03 3.52
CA TYR A 25 3.87 -1.47 3.31
C TYR A 25 4.66 -1.72 2.01
N PRO A 26 5.30 -2.90 1.82
CA PRO A 26 6.01 -3.19 0.58
C PRO A 26 5.08 -3.15 -0.64
N GLN A 27 5.61 -2.77 -1.80
CA GLN A 27 4.93 -2.93 -3.09
C GLN A 27 4.97 -4.38 -3.60
N ASP A 28 5.61 -5.29 -2.86
CA ASP A 28 5.34 -6.71 -2.91
C ASP A 28 3.90 -7.03 -2.49
N TRP A 29 3.42 -6.24 -1.53
CA TRP A 29 2.06 -6.13 -1.03
C TRP A 29 1.26 -5.05 -1.77
N LEU A 30 1.46 -5.03 -3.09
CA LEU A 30 0.67 -4.37 -4.12
C LEU A 30 0.42 -5.38 -5.26
N CYS A 31 -0.79 -5.91 -5.34
CA CYS A 31 -1.22 -7.10 -6.05
C CYS A 31 -0.36 -8.32 -5.68
N ASP A 32 -0.49 -8.75 -4.41
CA ASP A 32 0.10 -10.00 -3.92
C ASP A 32 -0.80 -11.21 -4.24
N GLY A 33 -2.04 -10.97 -4.65
CA GLY A 33 -3.11 -11.98 -4.75
C GLY A 33 -3.88 -12.21 -3.44
N HIS A 34 -3.56 -11.37 -2.45
CA HIS A 34 -4.00 -11.34 -1.07
C HIS A 34 -4.07 -9.87 -0.60
N PRO A 35 -5.21 -9.35 -0.11
CA PRO A 35 -5.30 -7.98 0.35
C PRO A 35 -4.56 -7.79 1.67
N ASP A 36 -4.10 -6.57 1.93
CA ASP A 36 -3.50 -6.21 3.21
C ASP A 36 -3.73 -4.73 3.55
N CYS A 37 -4.49 -3.99 2.73
CA CYS A 37 -4.47 -2.52 2.79
C CYS A 37 -5.22 -1.86 3.97
N ASP A 38 -5.64 -2.68 4.92
CA ASP A 38 -6.79 -2.56 5.83
C ASP A 38 -8.15 -2.25 5.15
N ASP A 39 -8.12 -2.05 3.84
CA ASP A 39 -9.23 -2.00 2.90
C ASP A 39 -9.07 -2.98 1.74
N GLY A 40 -7.91 -3.66 1.68
CA GLY A 40 -7.54 -4.51 0.54
C GLY A 40 -7.30 -3.76 -0.77
N ARG A 41 -7.13 -2.44 -0.69
CA ARG A 41 -6.92 -1.55 -1.84
C ARG A 41 -5.50 -1.64 -2.41
N ASP A 42 -4.70 -2.56 -1.88
CA ASP A 42 -3.46 -2.98 -2.46
C ASP A 42 -3.68 -3.94 -3.62
N GLU A 43 -4.78 -4.69 -3.53
CA GLU A 43 -5.15 -5.62 -4.58
C GLU A 43 -5.81 -4.94 -5.77
N TRP A 44 -6.54 -3.86 -5.47
CA TRP A 44 -7.54 -3.27 -6.34
C TRP A 44 -6.95 -2.74 -7.64
N GLY A 45 -7.31 -3.45 -8.70
CA GLY A 45 -6.93 -3.19 -10.07
C GLY A 45 -5.48 -3.58 -10.41
N CYS A 46 -4.70 -4.10 -9.44
CA CYS A 46 -3.31 -4.52 -9.55
C CYS A 46 -2.38 -3.55 -10.33
N GLY A 47 -2.71 -2.25 -10.32
CA GLY A 47 -2.03 -1.15 -11.03
C GLY A 47 -1.34 -0.17 -10.09
N SER A 6 4.99 7.53 -1.37
CA SER A 6 6.18 8.33 -1.06
C SER A 6 6.77 7.92 0.28
N CYS A 7 7.64 6.92 0.20
CA CYS A 7 8.28 6.16 1.28
C CYS A 7 9.65 5.68 0.74
N PRO A 8 10.41 4.80 1.43
CA PRO A 8 11.61 4.24 0.81
C PRO A 8 11.27 3.41 -0.45
N PRO A 9 12.26 3.09 -1.30
CA PRO A 9 12.04 2.25 -2.48
C PRO A 9 11.36 0.92 -2.17
N GLY A 10 10.47 0.56 -3.09
CA GLY A 10 9.62 -0.62 -3.01
C GLY A 10 8.63 -0.62 -1.84
N GLN A 11 8.27 0.54 -1.27
CA GLN A 11 7.27 0.72 -0.22
C GLN A 11 6.29 1.84 -0.61
N PHE A 12 5.01 1.59 -0.39
CA PHE A 12 3.89 2.55 -0.54
C PHE A 12 2.99 2.58 0.71
N ARG A 13 2.13 3.60 0.86
CA ARG A 13 1.08 3.65 1.90
C ARG A 13 -0.33 3.40 1.37
N CYS A 14 -1.15 2.76 2.20
CA CYS A 14 -2.46 2.23 1.85
C CYS A 14 -3.61 3.24 2.01
N SER A 15 -4.20 3.26 3.20
CA SER A 15 -5.55 3.80 3.48
C SER A 15 -5.53 5.02 4.39
N GLU A 16 -4.44 5.76 4.28
CA GLU A 16 -4.16 7.05 4.93
C GLU A 16 -3.45 8.00 3.93
N PRO A 17 -4.03 9.17 3.62
CA PRO A 17 -3.53 10.09 2.58
C PRO A 17 -2.24 10.84 3.00
N PRO A 18 -1.57 11.55 2.05
CA PRO A 18 -0.46 12.45 2.34
C PRO A 18 -0.76 13.53 3.40
N GLY A 19 0.32 14.17 3.86
CA GLY A 19 0.34 15.07 5.03
C GLY A 19 0.25 14.35 6.39
N ALA A 20 -0.05 13.06 6.39
CA ALA A 20 -0.03 12.15 7.53
C ALA A 20 0.76 10.89 7.15
N HIS A 21 2.10 11.02 7.14
CA HIS A 21 3.07 10.09 6.54
C HIS A 21 2.96 8.63 7.02
N GLY A 22 2.61 8.44 8.29
CA GLY A 22 2.25 7.16 8.90
C GLY A 22 3.32 6.06 8.73
N GLU A 23 2.86 4.85 8.41
CA GLU A 23 3.68 3.68 8.13
C GLU A 23 3.11 2.87 6.95
N CYS A 24 3.98 2.76 5.96
CA CYS A 24 3.84 2.13 4.67
C CYS A 24 3.88 0.58 4.75
N TYR A 25 3.86 -0.05 3.58
CA TYR A 25 3.96 -1.49 3.36
C TYR A 25 4.74 -1.76 2.07
N PRO A 26 5.38 -2.93 1.88
CA PRO A 26 6.08 -3.24 0.64
C PRO A 26 5.12 -3.21 -0.57
N GLN A 27 5.64 -2.85 -1.74
CA GLN A 27 4.96 -3.01 -3.03
C GLN A 27 4.97 -4.47 -3.53
N ASP A 28 5.60 -5.37 -2.78
CA ASP A 28 5.32 -6.80 -2.81
C ASP A 28 3.88 -7.09 -2.40
N TRP A 29 3.40 -6.29 -1.45
CA TRP A 29 2.03 -6.17 -0.99
C TRP A 29 1.26 -5.08 -1.74
N LEU A 30 1.47 -5.07 -3.05
CA LEU A 30 0.69 -4.40 -4.07
C LEU A 30 0.44 -5.41 -5.21
N CYS A 31 -0.78 -5.92 -5.30
CA CYS A 31 -1.21 -7.11 -6.04
C CYS A 31 -0.37 -8.34 -5.66
N ASP A 32 -0.52 -8.77 -4.40
CA ASP A 32 0.04 -10.03 -3.89
C ASP A 32 -0.86 -11.23 -4.24
N GLY A 33 -2.09 -10.97 -4.67
CA GLY A 33 -3.16 -11.97 -4.80
C GLY A 33 -3.96 -12.19 -3.50
N HIS A 34 -3.65 -11.38 -2.51
CA HIS A 34 -4.11 -11.35 -1.13
C HIS A 34 -4.15 -9.88 -0.65
N PRO A 35 -5.31 -9.35 -0.19
CA PRO A 35 -5.37 -7.98 0.29
C PRO A 35 -4.66 -7.82 1.64
N ASP A 36 -4.17 -6.62 1.91
CA ASP A 36 -3.56 -6.29 3.20
C ASP A 36 -3.74 -4.81 3.55
N CYS A 37 -4.48 -4.04 2.73
CA CYS A 37 -4.42 -2.57 2.81
C CYS A 37 -5.16 -1.91 3.99
N ASP A 38 -5.60 -2.73 4.93
CA ASP A 38 -6.76 -2.59 5.83
C ASP A 38 -8.10 -2.24 5.17
N ASP A 39 -8.07 -2.03 3.85
CA ASP A 39 -9.18 -1.95 2.91
C ASP A 39 -9.03 -2.92 1.74
N GLY A 40 -7.89 -3.63 1.69
CA GLY A 40 -7.53 -4.47 0.53
C GLY A 40 -7.27 -3.72 -0.76
N ARG A 41 -7.07 -2.41 -0.68
CA ARG A 41 -6.84 -1.51 -1.83
C ARG A 41 -5.44 -1.62 -2.39
N ASP A 42 -4.65 -2.56 -1.86
CA ASP A 42 -3.42 -3.00 -2.44
C ASP A 42 -3.66 -3.95 -3.62
N GLU A 43 -4.76 -4.68 -3.54
CA GLU A 43 -5.15 -5.58 -4.60
C GLU A 43 -5.79 -4.87 -5.79
N TRP A 44 -6.49 -3.79 -5.48
CA TRP A 44 -7.47 -3.15 -6.35
C TRP A 44 -6.83 -2.61 -7.62
N GLY A 45 -7.20 -3.27 -8.71
CA GLY A 45 -6.78 -2.99 -10.07
C GLY A 45 -5.33 -3.40 -10.38
N CYS A 46 -4.59 -3.96 -9.41
CA CYS A 46 -3.21 -4.42 -9.51
C CYS A 46 -2.24 -3.45 -10.22
N GLY A 47 -2.51 -2.14 -10.11
CA GLY A 47 -1.76 -1.03 -10.72
C GLY A 47 -2.43 0.32 -10.51
#